data_7T6U
#
_entry.id   7T6U
#
_cell.length_a   1.00
_cell.length_b   1.00
_cell.length_c   1.00
_cell.angle_alpha   90.00
_cell.angle_beta   90.00
_cell.angle_gamma   90.00
#
_symmetry.space_group_name_H-M   'P 1'
#
loop_
_entity.id
_entity.type
_entity.pdbx_description
1 polymer 'Guanine nucleotide-binding protein G(i) subunit alpha-1'
2 polymer 'Guanine nucleotide-binding protein G(I)/G(S)/G(T) subunit beta-1'
3 polymer 'Guanine nucleotide-binding protein G(I)/G(S)/G(O) subunit gamma-2'
4 polymer B9-scFv
5 polymer 'Synthetic peptide'
6 polymer 'N-formyl peptide receptor 2'
7 non-polymer 'PALMITIC ACID'
#
loop_
_entity_poly.entity_id
_entity_poly.type
_entity_poly.pdbx_seq_one_letter_code
_entity_poly.pdbx_strand_id
1 'polypeptide(L)'
;GCTLSAEDKAAVERSKMIDRNLREDGEKAAREVKLLLLGAGESGKSTIVKQMKIIHEAGYSEEECKQYKAVVYSNTIQSI
IAIIRAMGRLKIDFGDSARADDARQLFVLAGAAEEGFMTAELAGVIKRLWKDSGVQACFNRSREYQLNDSAAYYLNDLDR
IAQPNYIPTQQDVLRTRVKTTGIVETHFTFKDLHFKMFDVGAQRSERKKWIHCFEGVTAIIFCVALSDYDLVLAEDEEMN
RMHESMKLFDSICNNKWFTDTSIILFLNKKDLFEEKIKKSPLTICYPEYAGSNTYEEAAAYIQCQFEDLNKRKDTKEIYT
HFTCSTDTKNVQFVFDAVTDVIIKNNLKDCGLF
;
A
2 'polypeptide(L)'
;HHHHHHHHMGSLLQSELDELRQEAEQLKNQIRDARKACADATLSQITNNIDPVGRIQMRTRRTLRGHLAKIYAMHWGTDS
RLLVSASQDGKLIIWDSYTTNKVHAIPLRSSWVMTCAYAPSGNYVACGGLDNICSIYNLKTREGNVRVSRELAGHTGYLS
CCRFLDDNQIVTSSGDTTCALWDIETGQQTTTFTGHTGDVMSLSLAPDTRLFVSGACDASAKLWDVREGMCRQTFTGHES
DINAICFFPNGNAFATGSDDATCRLFDLRADQELMTYSHDNIICGITSVSFSKSGRLLLAGYDDFNCNVWDALKADRAGV
LAGHDNRVSCLGVTDDGMAVATGSWDSFLKIWN
;
B
3 'polypeptide(L)' ASNNTASIAQARKLVEQLKMEANIDRIKVSKAAADLMAYCEAHAKEDPLLTPVPASENPFREKKFFC C
4 'polypeptide(L)'
;VQLVESGGGLVQPGGSRKLSCSASGFAFSSFGMHWVRQAPEKGLEWVAYISSGSGTIYYADTVKGRFTISRDDPKNTLFL
QMTSLRSEDTAMYYCVRSIYYYGSSPFDFWGQGTTLTVSSGGGGSGGGGSGGGGSSDIVMTQATSSVPVTPGESVSISCR
SSKSLLHSNGNTYLYWFLQRPGQSPQLLIYRMSNLASGVPERFSGSGSGTAFTLTISRLEAEDVGVYYCMQHLEYPLTFG
AGTKLEL
;
E
5 'polypeptide(L)' QKFTSWF(QXV) L
6 'polypeptide(L)'
;DYKDDDDVDMGQPGNGSAFLLAPNGSHAPDHDVTQQRDEENLYFQGASMETNFSTPLNEYEEVSYESAGYTVLRILPLVV
LGVTFVLGVLGNGLVIWVAGFRMTRTVTTICYLNLALADFSFTATLPFLIVSMAMGEKWPFGWFLCKLIHIVVDINLFGS
VFLIGFIALDRCICVLHPVWAQNHRTVSLAMKVIVGPWILALVLTLPVFLFLTTVTIPNGDTYCTFNFASWGGTPEERLK
VAITMLTARGIIRFVIGFSLPMSIVAICYGLIAAKIHKKGMIKSSRPLRVLTAVVASFFICWFPFQLVALLGTVWLKEML
FYGKYKIIDILVNPTSSLAFFNSCLNPMLYVFVGQDFRERLIHSLPTSLERALSEDSAPTNDTAANSASP
;
R
#
# COMPACT_ATOMS: atom_id res chain seq x y z
N LEU A 4 -15.12 18.72 -3.15
CA LEU A 4 -16.25 19.64 -3.49
C LEU A 4 -15.82 20.71 -4.49
N SER A 5 -14.75 21.46 -4.23
CA SER A 5 -14.30 22.56 -5.13
C SER A 5 -13.72 22.04 -6.42
N ALA A 6 -13.67 22.88 -7.46
CA ALA A 6 -13.15 22.47 -8.77
C ALA A 6 -11.74 21.94 -8.61
N GLU A 7 -10.92 22.66 -7.86
CA GLU A 7 -9.53 22.27 -7.66
C GLU A 7 -9.45 21.00 -6.83
N ASP A 8 -10.32 20.85 -5.84
CA ASP A 8 -10.34 19.64 -4.99
C ASP A 8 -10.76 18.42 -5.80
N LYS A 9 -11.72 18.57 -6.69
CA LYS A 9 -12.18 17.46 -7.56
C LYS A 9 -11.05 17.00 -8.47
N ALA A 10 -10.23 17.93 -8.95
CA ALA A 10 -9.11 17.57 -9.83
C ALA A 10 -7.96 17.01 -9.01
N ALA A 11 -7.95 17.27 -7.71
CA ALA A 11 -6.95 16.67 -6.84
C ALA A 11 -7.30 15.22 -6.51
N VAL A 12 -8.60 14.92 -6.39
CA VAL A 12 -9.04 13.54 -6.24
C VAL A 12 -8.82 12.78 -7.53
N GLU A 13 -9.01 13.45 -8.67
CA GLU A 13 -8.79 12.82 -9.96
C GLU A 13 -7.30 12.58 -10.22
N ARG A 14 -6.44 13.41 -9.61
CA ARG A 14 -5.00 13.13 -9.67
C ARG A 14 -4.65 11.94 -8.79
N SER A 15 -5.24 11.88 -7.59
CA SER A 15 -5.00 10.76 -6.69
C SER A 15 -5.63 9.47 -7.20
N LYS A 16 -6.74 9.56 -7.93
CA LYS A 16 -7.34 8.36 -8.49
C LYS A 16 -6.63 7.91 -9.75
N MET A 17 -5.74 8.74 -10.30
CA MET A 17 -4.89 8.30 -11.39
C MET A 17 -3.56 7.77 -10.85
N ILE A 18 -3.27 8.06 -9.58
CA ILE A 18 -2.04 7.59 -8.96
C ILE A 18 -2.20 6.16 -8.47
N ASP A 19 -3.33 5.87 -7.82
CA ASP A 19 -3.53 4.52 -7.27
C ASP A 19 -3.83 3.51 -8.38
N ARG A 20 -4.21 3.98 -9.56
CA ARG A 20 -4.23 3.12 -10.73
C ARG A 20 -2.82 2.75 -11.14
N ASN A 21 -1.87 3.69 -11.01
CA ASN A 21 -0.49 3.41 -11.37
C ASN A 21 0.22 2.60 -10.29
N LEU A 22 -0.21 2.75 -9.03
CA LEU A 22 0.35 1.93 -7.96
C LEU A 22 -0.18 0.51 -8.05
N ARG A 23 -1.43 0.35 -8.48
CA ARG A 23 -2.00 -0.98 -8.67
C ARG A 23 -1.40 -1.64 -9.90
N GLU A 24 -1.06 -0.85 -10.91
CA GLU A 24 -0.48 -1.40 -12.13
C GLU A 24 0.98 -1.80 -11.91
N ASP A 25 1.71 -0.99 -11.13
CA ASP A 25 3.10 -1.34 -10.83
C ASP A 25 3.18 -2.46 -9.80
N GLY A 26 2.12 -2.67 -9.02
CA GLY A 26 2.13 -3.77 -8.07
C GLY A 26 1.90 -5.11 -8.73
N GLU A 27 1.26 -5.11 -9.90
CA GLU A 27 1.08 -6.35 -10.64
C GLU A 27 2.36 -6.74 -11.35
N LYS A 28 3.16 -5.76 -11.76
CA LYS A 28 4.43 -6.06 -12.42
C LYS A 28 5.45 -6.57 -11.43
N ALA A 29 5.29 -6.24 -10.15
CA ALA A 29 6.22 -6.73 -9.14
C ALA A 29 5.85 -8.11 -8.66
N ALA A 30 4.57 -8.47 -8.74
CA ALA A 30 4.14 -9.79 -8.32
C ALA A 30 4.48 -10.87 -9.33
N ARG A 31 4.74 -10.48 -10.58
CA ARG A 31 5.17 -11.45 -11.58
C ARG A 31 6.64 -11.82 -11.42
N GLU A 32 7.39 -11.04 -10.66
CA GLU A 32 8.82 -11.25 -10.52
C GLU A 32 9.10 -12.12 -9.30
N VAL A 33 9.82 -13.22 -9.52
CA VAL A 33 10.23 -14.06 -8.40
C VAL A 33 11.46 -13.46 -7.74
N LYS A 34 11.34 -13.19 -6.45
CA LYS A 34 12.42 -12.61 -5.67
C LYS A 34 13.27 -13.73 -5.09
N LEU A 35 14.58 -13.59 -5.19
CA LEU A 35 15.53 -14.57 -4.68
C LEU A 35 16.60 -13.86 -3.88
N LEU A 36 16.91 -14.37 -2.69
CA LEU A 36 17.94 -13.82 -1.85
C LEU A 36 19.20 -14.69 -1.96
N LEU A 37 20.26 -14.12 -2.52
CA LEU A 37 21.49 -14.85 -2.77
C LEU A 37 22.47 -14.60 -1.62
N LEU A 38 22.81 -15.65 -0.89
CA LEU A 38 23.71 -15.55 0.25
C LEU A 38 24.93 -16.42 0.00
N GLY A 39 25.83 -16.45 0.99
CA GLY A 39 27.05 -17.20 0.88
C GLY A 39 28.16 -16.65 1.75
N ALA A 40 28.92 -17.53 2.39
CA ALA A 40 29.98 -17.09 3.29
C ALA A 40 31.21 -16.70 2.50
N GLY A 41 31.44 -15.39 2.37
CA GLY A 41 32.56 -14.87 1.62
C GLY A 41 32.40 -15.15 0.14
N GLU A 42 33.55 -15.31 -0.53
CA GLU A 42 33.57 -15.67 -1.95
C GLU A 42 33.46 -17.19 -2.05
N SER A 43 32.26 -17.69 -1.78
CA SER A 43 31.95 -19.11 -1.84
C SER A 43 31.27 -19.50 -3.15
N GLY A 44 31.46 -18.72 -4.20
CA GLY A 44 30.87 -19.00 -5.48
C GLY A 44 29.64 -18.17 -5.83
N LYS A 45 29.47 -17.01 -5.21
CA LYS A 45 28.39 -16.12 -5.60
C LYS A 45 28.63 -15.53 -6.98
N SER A 46 29.89 -15.26 -7.31
CA SER A 46 30.21 -14.61 -8.57
C SER A 46 30.08 -15.57 -9.74
N THR A 47 30.25 -16.87 -9.49
CA THR A 47 30.10 -17.83 -10.57
C THR A 47 28.64 -18.12 -10.85
N ILE A 48 27.78 -17.99 -9.84
CA ILE A 48 26.36 -18.28 -10.02
C ILE A 48 25.68 -17.17 -10.80
N VAL A 49 26.03 -15.91 -10.51
CA VAL A 49 25.39 -14.78 -11.19
C VAL A 49 25.83 -14.70 -12.65
N LYS A 50 27.00 -15.26 -12.96
CA LYS A 50 27.39 -15.40 -14.36
C LYS A 50 26.65 -16.54 -15.03
N GLN A 51 26.24 -17.54 -14.24
CA GLN A 51 25.50 -18.66 -14.80
C GLN A 51 24.04 -18.30 -15.05
N MET A 52 23.45 -17.48 -14.18
CA MET A 52 22.10 -16.99 -14.43
C MET A 52 22.08 -15.90 -15.49
N LYS A 53 23.24 -15.26 -15.73
CA LYS A 53 23.52 -14.18 -16.71
C LYS A 53 22.43 -13.13 -16.87
N THR A 181 27.18 0.04 -4.17
CA THR A 181 28.05 -0.55 -3.18
C THR A 181 27.26 -1.26 -2.09
N GLY A 182 25.95 -1.24 -2.22
CA GLY A 182 25.06 -1.93 -1.29
C GLY A 182 24.51 -3.21 -1.86
N ILE A 183 23.18 -3.27 -1.93
CA ILE A 183 22.53 -4.44 -2.50
C ILE A 183 22.68 -4.41 -4.02
N VAL A 184 22.91 -5.57 -4.61
CA VAL A 184 23.09 -5.71 -6.05
C VAL A 184 21.99 -6.64 -6.57
N GLU A 185 21.15 -6.12 -7.45
CA GLU A 185 20.06 -6.89 -8.00
C GLU A 185 20.41 -7.37 -9.39
N THR A 186 20.00 -8.60 -9.70
CA THR A 186 20.21 -9.20 -11.01
C THR A 186 18.89 -9.71 -11.55
N HIS A 187 18.50 -9.20 -12.72
CA HIS A 187 17.26 -9.58 -13.38
C HIS A 187 17.57 -10.55 -14.49
N PHE A 188 16.87 -11.68 -14.50
CA PHE A 188 17.02 -12.64 -15.59
C PHE A 188 15.71 -13.39 -15.76
N THR A 189 15.48 -13.87 -16.99
CA THR A 189 14.28 -14.61 -17.33
C THR A 189 14.66 -16.01 -17.76
N PHE A 190 13.82 -16.98 -17.41
CA PHE A 190 14.03 -18.36 -17.81
C PHE A 190 12.67 -19.05 -17.89
N LYS A 191 12.29 -19.43 -19.11
CA LYS A 191 11.02 -20.09 -19.42
C LYS A 191 9.82 -19.28 -18.95
N ASP A 192 9.75 -18.03 -19.45
CA ASP A 192 8.66 -17.08 -19.23
C ASP A 192 8.46 -16.73 -17.75
N LEU A 193 9.51 -16.84 -16.94
CA LEU A 193 9.43 -16.50 -15.52
C LEU A 193 10.49 -15.46 -15.20
N HIS A 194 10.06 -14.32 -14.68
CA HIS A 194 10.96 -13.23 -14.34
C HIS A 194 11.53 -13.43 -12.94
N PHE A 195 12.84 -13.25 -12.82
CA PHE A 195 13.56 -13.47 -11.58
C PHE A 195 14.24 -12.20 -11.11
N LYS A 196 14.26 -12.00 -9.80
CA LYS A 196 15.00 -10.92 -9.16
C LYS A 196 15.90 -11.53 -8.10
N MET A 197 17.20 -11.39 -8.28
CA MET A 197 18.17 -11.98 -7.37
C MET A 197 18.97 -10.89 -6.68
N PHE A 198 18.91 -10.86 -5.35
CA PHE A 198 19.54 -9.81 -4.54
C PHE A 198 20.79 -10.38 -3.88
N ASP A 199 21.91 -9.70 -4.08
CA ASP A 199 23.19 -10.10 -3.49
C ASP A 199 23.48 -9.10 -2.38
N VAL A 200 23.38 -9.55 -1.13
CA VAL A 200 23.55 -8.65 0.00
C VAL A 200 24.87 -8.87 0.73
N GLY A 201 25.78 -9.65 0.17
CA GLY A 201 27.07 -9.84 0.79
C GLY A 201 28.04 -8.70 0.56
N ALA A 202 27.66 -7.69 -0.23
CA ALA A 202 28.58 -6.62 -0.56
C ALA A 202 28.69 -5.59 0.56
N GLN A 203 27.75 -5.56 1.49
CA GLN A 203 27.78 -4.62 2.59
C GLN A 203 27.72 -5.38 3.91
N ARG A 204 28.69 -5.11 4.79
CA ARG A 204 28.87 -5.83 6.04
C ARG A 204 28.37 -4.99 7.20
N SER A 205 27.37 -5.51 7.90
CA SER A 205 26.82 -4.91 9.10
C SER A 205 26.14 -6.00 9.90
N GLU A 206 25.37 -5.64 10.92
CA GLU A 206 24.63 -6.65 11.67
C GLU A 206 23.46 -7.12 10.82
N ARG A 207 23.37 -8.43 10.62
CA ARG A 207 22.37 -8.99 9.72
C ARG A 207 20.97 -8.87 10.30
N LYS A 208 20.87 -8.85 11.63
CA LYS A 208 19.62 -8.87 12.39
C LYS A 208 18.74 -7.65 12.10
N LYS A 209 19.31 -6.56 11.61
CA LYS A 209 18.57 -5.32 11.43
C LYS A 209 18.04 -5.13 10.01
N TRP A 210 18.56 -5.86 9.02
CA TRP A 210 17.98 -5.78 7.68
C TRP A 210 17.55 -7.12 7.10
N ILE A 211 17.55 -8.21 7.87
CA ILE A 211 17.13 -9.50 7.31
C ILE A 211 15.62 -9.60 7.28
N HIS A 212 14.92 -8.71 7.99
CA HIS A 212 13.46 -8.70 7.92
C HIS A 212 12.95 -7.99 6.68
N CYS A 213 13.82 -7.36 5.90
CA CYS A 213 13.42 -6.78 4.63
C CYS A 213 13.14 -7.83 3.57
N PHE A 214 13.64 -9.05 3.77
CA PHE A 214 13.50 -10.12 2.80
C PHE A 214 12.54 -11.21 3.28
N GLU A 215 11.50 -10.83 4.02
CA GLU A 215 10.60 -11.80 4.62
C GLU A 215 9.73 -12.49 3.59
N GLY A 216 9.27 -11.77 2.58
CA GLY A 216 8.44 -12.34 1.56
C GLY A 216 9.16 -12.85 0.34
N VAL A 217 10.43 -13.26 0.50
CA VAL A 217 11.20 -13.74 -0.63
C VAL A 217 10.71 -15.15 -0.99
N THR A 218 10.86 -15.52 -2.27
CA THR A 218 10.37 -16.82 -2.69
C THR A 218 11.30 -17.93 -2.23
N ALA A 219 12.60 -17.79 -2.48
CA ALA A 219 13.57 -18.78 -2.05
C ALA A 219 14.91 -18.10 -1.78
N ILE A 220 15.69 -18.72 -0.90
CA ILE A 220 17.03 -18.25 -0.57
C ILE A 220 18.05 -19.14 -1.27
N ILE A 221 18.99 -18.53 -1.99
CA ILE A 221 20.05 -19.26 -2.66
C ILE A 221 21.30 -19.14 -1.83
N PHE A 222 21.67 -20.22 -1.14
CA PHE A 222 22.82 -20.26 -0.24
C PHE A 222 23.91 -21.07 -0.90
N CYS A 223 25.04 -20.42 -1.20
CA CYS A 223 26.14 -21.08 -1.88
C CYS A 223 27.27 -21.35 -0.91
N VAL A 224 27.79 -22.58 -0.93
CA VAL A 224 28.90 -22.99 -0.09
C VAL A 224 29.94 -23.63 -0.99
N ALA A 225 31.17 -23.11 -0.94
CA ALA A 225 32.28 -23.68 -1.70
C ALA A 225 32.71 -24.97 -1.01
N LEU A 226 32.65 -26.09 -1.74
CA LEU A 226 33.01 -27.38 -1.15
C LEU A 226 34.51 -27.49 -0.93
N SER A 227 35.30 -26.66 -1.62
CA SER A 227 36.73 -26.64 -1.45
C SER A 227 37.19 -25.91 -0.18
N ASP A 228 36.25 -25.34 0.58
CA ASP A 228 36.58 -24.54 1.76
C ASP A 228 36.60 -25.38 3.03
N TYR A 229 36.84 -26.69 2.92
CA TYR A 229 36.88 -27.52 4.11
C TYR A 229 38.28 -27.55 4.72
N ASP A 230 39.30 -27.24 3.92
CA ASP A 230 40.68 -27.22 4.36
C ASP A 230 41.17 -25.83 4.72
N LEU A 231 40.56 -24.79 4.16
CA LEU A 231 41.05 -23.44 4.41
C LEU A 231 40.53 -22.92 5.74
N VAL A 232 41.41 -22.20 6.44
CA VAL A 232 41.10 -21.55 7.70
C VAL A 232 41.27 -20.05 7.48
N LEU A 233 40.35 -19.27 8.06
CA LEU A 233 40.44 -17.82 8.03
C LEU A 233 41.39 -17.36 9.16
N ALA A 234 41.38 -16.06 9.47
CA ALA A 234 42.37 -15.48 10.39
C ALA A 234 42.23 -15.98 11.82
N GLU A 235 41.07 -16.49 12.20
CA GLU A 235 40.90 -17.06 13.53
C GLU A 235 40.98 -18.58 13.51
N ASN A 240 37.59 -24.87 8.86
CA ASN A 240 37.02 -23.81 9.67
C ASN A 240 36.22 -22.84 8.82
N ARG A 241 36.56 -22.75 7.53
CA ARG A 241 35.80 -21.87 6.65
C ARG A 241 34.49 -22.53 6.23
N MET A 242 34.45 -23.86 6.21
CA MET A 242 33.18 -24.55 6.05
C MET A 242 32.38 -24.52 7.34
N HIS A 243 33.06 -24.39 8.48
CA HIS A 243 32.36 -24.28 9.75
C HIS A 243 31.67 -22.93 9.88
N GLU A 244 32.24 -21.90 9.25
CA GLU A 244 31.59 -20.60 9.23
C GLU A 244 30.43 -20.57 8.24
N SER A 245 30.45 -21.46 7.24
CA SER A 245 29.29 -21.60 6.37
C SER A 245 28.14 -22.28 7.10
N MET A 246 28.46 -23.22 8.00
CA MET A 246 27.42 -23.87 8.79
C MET A 246 26.91 -22.95 9.89
N LYS A 247 27.72 -21.97 10.29
CA LYS A 247 27.26 -20.98 11.25
C LYS A 247 26.40 -19.93 10.56
N LEU A 248 26.63 -19.71 9.26
CA LEU A 248 25.78 -18.78 8.51
C LEU A 248 24.50 -19.46 8.06
N PHE A 249 24.53 -20.79 7.92
CA PHE A 249 23.37 -21.50 7.39
C PHE A 249 22.28 -21.64 8.44
N ASP A 250 22.63 -22.02 9.67
CA ASP A 250 21.61 -22.22 10.70
C ASP A 250 21.09 -20.88 11.23
N SER A 251 21.84 -19.81 11.01
CA SER A 251 21.32 -18.48 11.30
C SER A 251 20.31 -18.01 10.27
N ILE A 252 20.28 -18.65 9.10
CA ILE A 252 19.37 -18.25 8.04
C ILE A 252 18.23 -19.25 7.91
N CYS A 253 18.54 -20.54 8.02
CA CYS A 253 17.52 -21.58 7.88
C CYS A 253 16.59 -21.60 9.08
N ASN A 254 17.12 -21.42 10.28
CA ASN A 254 16.33 -21.40 11.50
C ASN A 254 15.94 -19.99 11.91
N ASN A 255 16.01 -19.04 11.00
CA ASN A 255 15.64 -17.66 11.31
C ASN A 255 14.14 -17.54 11.49
N LYS A 256 13.72 -16.54 12.26
CA LYS A 256 12.28 -16.34 12.48
C LYS A 256 11.62 -15.67 11.29
N TRP A 257 12.40 -15.09 10.38
CA TRP A 257 11.83 -14.47 9.19
C TRP A 257 11.80 -15.44 8.02
N PHE A 258 12.50 -16.57 8.13
CA PHE A 258 12.55 -17.58 7.09
C PHE A 258 12.05 -18.93 7.56
N THR A 259 10.92 -18.97 8.26
CA THR A 259 10.41 -20.24 8.77
C THR A 259 9.77 -21.07 7.67
N ASP A 260 9.41 -20.45 6.55
CA ASP A 260 8.72 -21.15 5.48
C ASP A 260 9.39 -20.98 4.11
N THR A 261 10.58 -20.39 4.07
CA THR A 261 11.25 -20.10 2.82
C THR A 261 12.15 -21.26 2.43
N SER A 262 11.99 -21.76 1.21
CA SER A 262 12.83 -22.83 0.70
C SER A 262 14.24 -22.32 0.44
N ILE A 263 15.20 -23.24 0.55
CA ILE A 263 16.62 -22.91 0.38
C ILE A 263 17.19 -23.78 -0.74
N ILE A 264 17.73 -23.13 -1.76
CA ILE A 264 18.41 -23.81 -2.85
C ILE A 264 19.90 -23.78 -2.53
N LEU A 265 20.42 -24.87 -2.00
CA LEU A 265 21.79 -24.94 -1.51
C LEU A 265 22.71 -25.36 -2.64
N PHE A 266 23.47 -24.40 -3.15
CA PHE A 266 24.47 -24.69 -4.18
C PHE A 266 25.79 -25.06 -3.51
N LEU A 267 26.23 -26.29 -3.71
CA LEU A 267 27.52 -26.73 -3.19
C LEU A 267 28.52 -26.57 -4.32
N ASN A 268 29.14 -25.40 -4.39
CA ASN A 268 29.96 -25.04 -5.53
C ASN A 268 31.32 -25.72 -5.45
N LYS A 269 32.07 -25.58 -6.56
CA LYS A 269 33.46 -26.01 -6.70
C LYS A 269 33.65 -27.51 -6.44
N LYS A 270 32.93 -28.34 -7.18
CA LYS A 270 33.16 -29.77 -7.11
C LYS A 270 34.24 -30.20 -8.09
N ASP A 271 34.70 -29.28 -8.93
CA ASP A 271 35.85 -29.57 -9.81
C ASP A 271 37.17 -29.39 -9.07
N LEU A 272 37.12 -29.04 -7.78
CA LEU A 272 38.31 -29.17 -6.95
C LEU A 272 38.34 -30.53 -6.26
N PHE A 273 37.66 -31.52 -6.85
CA PHE A 273 37.99 -32.93 -6.66
C PHE A 273 39.47 -33.19 -6.93
N GLU A 274 39.98 -32.66 -8.05
CA GLU A 274 41.30 -33.05 -8.54
C GLU A 274 42.42 -32.50 -7.67
N GLU A 275 42.14 -31.51 -6.83
CA GLU A 275 43.19 -30.96 -5.98
C GLU A 275 43.12 -31.54 -4.57
N LYS A 276 41.94 -31.53 -3.95
CA LYS A 276 41.90 -31.40 -2.50
C LYS A 276 41.64 -32.72 -1.80
N ILE A 277 40.61 -33.48 -2.21
CA ILE A 277 40.18 -34.60 -1.39
C ILE A 277 41.12 -35.80 -1.50
N LYS A 278 41.99 -35.83 -2.51
CA LYS A 278 42.96 -36.90 -2.61
C LYS A 278 44.16 -36.64 -1.72
N LYS A 279 44.65 -35.40 -1.70
CA LYS A 279 45.81 -35.07 -0.88
C LYS A 279 45.44 -34.78 0.57
N SER A 280 44.19 -34.42 0.84
CA SER A 280 43.78 -34.12 2.20
C SER A 280 42.37 -34.65 2.46
N PRO A 281 42.20 -35.50 3.48
CA PRO A 281 40.89 -36.11 3.71
C PRO A 281 39.90 -35.13 4.32
N LEU A 282 38.66 -35.59 4.44
CA LEU A 282 37.58 -34.79 5.02
C LEU A 282 37.66 -34.74 6.54
N THR A 283 38.62 -35.43 7.16
CA THR A 283 38.74 -35.45 8.60
C THR A 283 39.30 -34.14 9.17
N ILE A 284 39.73 -33.22 8.31
CA ILE A 284 40.25 -31.93 8.77
C ILE A 284 39.16 -31.08 9.39
N CYS A 285 37.98 -31.06 8.79
CA CYS A 285 36.88 -30.26 9.28
C CYS A 285 35.81 -31.09 9.99
N TYR A 286 35.70 -32.37 9.67
CA TYR A 286 34.79 -33.29 10.36
C TYR A 286 35.60 -34.40 11.02
N PRO A 287 36.01 -34.21 12.28
CA PRO A 287 36.70 -35.30 12.99
C PRO A 287 35.77 -36.43 13.41
N GLU A 288 34.46 -36.22 13.36
CA GLU A 288 33.47 -37.24 13.69
C GLU A 288 33.30 -38.26 12.57
N TYR A 289 33.83 -37.97 11.39
CA TYR A 289 33.60 -38.74 10.18
C TYR A 289 34.80 -39.62 9.86
N ALA A 290 34.53 -40.88 9.56
CA ALA A 290 35.58 -41.74 9.01
C ALA A 290 35.23 -42.11 7.57
N GLY A 291 34.08 -42.80 7.40
CA GLY A 291 33.43 -42.97 6.11
C GLY A 291 34.27 -43.56 5.01
N SER A 292 34.47 -42.77 3.97
CA SER A 292 35.22 -43.16 2.77
C SER A 292 35.80 -41.91 2.14
N ASN A 293 36.98 -42.05 1.55
CA ASN A 293 37.63 -40.90 0.93
C ASN A 293 37.30 -40.77 -0.57
N THR A 294 36.22 -41.39 -1.03
CA THR A 294 35.79 -41.22 -2.42
C THR A 294 35.08 -39.87 -2.54
N TYR A 295 34.92 -39.38 -3.77
CA TYR A 295 34.24 -38.11 -3.99
C TYR A 295 32.76 -38.19 -3.63
N GLU A 296 32.10 -39.27 -4.05
CA GLU A 296 30.64 -39.30 -4.03
C GLU A 296 30.11 -39.45 -2.60
N GLU A 297 30.81 -40.19 -1.75
CA GLU A 297 30.30 -40.41 -0.40
C GLU A 297 30.81 -39.34 0.57
N ALA A 298 31.88 -38.62 0.20
CA ALA A 298 32.29 -37.49 1.02
C ALA A 298 31.44 -36.26 0.74
N ALA A 299 31.07 -36.06 -0.53
CA ALA A 299 30.23 -34.92 -0.88
C ALA A 299 28.80 -35.13 -0.42
N ALA A 300 28.38 -36.39 -0.30
CA ALA A 300 27.06 -36.67 0.26
C ALA A 300 27.04 -36.49 1.76
N TYR A 301 28.21 -36.55 2.39
CA TYR A 301 28.30 -36.31 3.83
C TYR A 301 28.22 -34.81 4.13
N ILE A 302 28.82 -33.98 3.27
CA ILE A 302 28.77 -32.54 3.46
C ILE A 302 27.35 -32.03 3.21
N GLN A 303 26.66 -32.63 2.23
CA GLN A 303 25.28 -32.27 1.94
C GLN A 303 24.36 -32.64 3.11
N CYS A 304 24.61 -33.81 3.71
CA CYS A 304 23.79 -34.23 4.84
C CYS A 304 24.09 -33.40 6.09
N GLN A 305 25.32 -32.93 6.25
CA GLN A 305 25.65 -32.10 7.40
C GLN A 305 25.09 -30.69 7.29
N PHE A 306 24.72 -30.27 6.09
CA PHE A 306 24.05 -28.98 5.91
C PHE A 306 22.54 -29.12 6.05
N GLU A 307 22.00 -30.30 5.71
CA GLU A 307 20.56 -30.51 5.81
C GLU A 307 20.12 -30.92 7.21
N ASP A 308 21.04 -31.41 8.05
CA ASP A 308 20.69 -31.72 9.44
C ASP A 308 20.57 -30.48 10.30
N LEU A 309 21.03 -29.32 9.80
CA LEU A 309 20.85 -28.08 10.53
C LEU A 309 19.44 -27.53 10.39
N ASN A 310 18.66 -28.06 9.45
CA ASN A 310 17.28 -27.65 9.25
C ASN A 310 16.41 -28.18 10.38
N LYS A 311 16.06 -27.31 11.32
CA LYS A 311 15.20 -27.72 12.42
C LYS A 311 13.72 -27.60 12.07
N ARG A 312 13.40 -27.14 10.86
CA ARG A 312 12.02 -27.03 10.40
C ARG A 312 11.88 -27.95 9.19
N LYS A 313 11.55 -29.21 9.43
CA LYS A 313 11.46 -30.18 8.34
C LYS A 313 10.09 -30.23 7.71
N ASP A 314 9.06 -29.69 8.35
CA ASP A 314 7.70 -29.77 7.81
C ASP A 314 7.28 -28.49 7.10
N THR A 315 7.97 -27.37 7.36
CA THR A 315 7.59 -26.10 6.75
C THR A 315 8.45 -25.73 5.55
N LYS A 316 9.72 -26.09 5.54
CA LYS A 316 10.61 -25.67 4.46
C LYS A 316 11.37 -26.87 3.91
N GLU A 317 11.92 -26.69 2.73
CA GLU A 317 12.63 -27.74 2.00
C GLU A 317 13.97 -27.20 1.52
N ILE A 318 15.00 -28.03 1.62
CA ILE A 318 16.34 -27.67 1.17
C ILE A 318 16.63 -28.43 -0.10
N TYR A 319 16.87 -27.69 -1.19
CA TYR A 319 17.22 -28.27 -2.48
C TYR A 319 18.72 -28.13 -2.67
N THR A 320 19.40 -29.25 -2.89
CA THR A 320 20.85 -29.28 -2.98
C THR A 320 21.29 -29.66 -4.38
N HIS A 321 22.14 -28.83 -4.98
CA HIS A 321 22.71 -29.08 -6.28
C HIS A 321 24.21 -28.87 -6.23
N PHE A 322 24.94 -29.69 -6.98
CA PHE A 322 26.39 -29.57 -7.04
C PHE A 322 26.80 -28.82 -8.30
N THR A 323 27.81 -27.97 -8.17
CA THR A 323 28.19 -27.08 -9.25
C THR A 323 29.71 -27.11 -9.43
N CYS A 324 30.13 -27.12 -10.70
CA CYS A 324 31.55 -27.16 -11.04
C CYS A 324 32.02 -25.94 -11.81
N SER A 325 31.20 -24.88 -11.88
CA SER A 325 31.48 -23.62 -12.59
C SER A 325 31.71 -23.82 -14.09
N THR A 326 31.29 -24.96 -14.63
CA THR A 326 31.25 -25.27 -16.06
C THR A 326 29.92 -25.90 -16.41
N ASP A 327 28.88 -25.53 -15.66
CA ASP A 327 27.58 -26.18 -15.81
C ASP A 327 26.61 -25.19 -16.45
N THR A 328 25.83 -25.67 -17.42
CA THR A 328 24.78 -24.85 -18.00
C THR A 328 23.42 -25.10 -17.35
N LYS A 329 23.31 -26.13 -16.52
CA LYS A 329 22.03 -26.54 -15.96
C LYS A 329 21.76 -25.96 -14.56
N ASN A 330 22.38 -24.83 -14.22
CA ASN A 330 22.16 -24.27 -12.88
C ASN A 330 20.91 -23.41 -12.84
N VAL A 331 20.57 -22.77 -13.96
CA VAL A 331 19.36 -21.96 -14.00
C VAL A 331 18.13 -22.86 -14.15
N GLN A 332 18.34 -24.10 -14.59
CA GLN A 332 17.23 -25.05 -14.67
C GLN A 332 16.85 -25.57 -13.29
N PHE A 333 17.84 -25.79 -12.43
CA PHE A 333 17.56 -26.28 -11.08
C PHE A 333 16.88 -25.21 -10.23
N VAL A 334 17.17 -23.94 -10.50
CA VAL A 334 16.45 -22.86 -9.82
C VAL A 334 15.02 -22.79 -10.34
N PHE A 335 14.83 -23.10 -11.64
CA PHE A 335 13.49 -23.07 -12.21
C PHE A 335 12.63 -24.21 -11.68
N ASP A 336 13.22 -25.38 -11.44
CA ASP A 336 12.46 -26.50 -10.91
C ASP A 336 12.18 -26.32 -9.42
N ALA A 337 13.04 -25.58 -8.74
CA ALA A 337 12.86 -25.37 -7.30
C ALA A 337 11.74 -24.35 -7.04
N VAL A 338 11.74 -23.23 -7.77
CA VAL A 338 10.74 -22.19 -7.56
C VAL A 338 9.35 -22.65 -8.01
N THR A 339 9.30 -23.46 -9.08
CA THR A 339 8.03 -24.02 -9.54
C THR A 339 7.39 -24.91 -8.47
N ASP A 340 8.22 -25.64 -7.71
CA ASP A 340 7.71 -26.36 -6.55
C ASP A 340 7.25 -25.40 -5.46
N VAL A 341 7.96 -24.28 -5.28
CA VAL A 341 7.58 -23.31 -4.25
C VAL A 341 6.31 -22.56 -4.67
N ILE A 342 6.18 -22.25 -5.97
CA ILE A 342 5.00 -21.54 -6.47
C ILE A 342 3.76 -22.43 -6.35
N ILE A 343 3.92 -23.73 -6.62
CA ILE A 343 2.82 -24.68 -6.45
C ILE A 343 2.49 -24.84 -4.98
N LYS A 344 3.52 -24.91 -4.12
CA LYS A 344 3.28 -25.07 -2.69
C LYS A 344 2.68 -23.81 -2.07
N ASN A 345 3.04 -22.63 -2.58
CA ASN A 345 2.46 -21.40 -2.07
C ASN A 345 1.03 -21.23 -2.56
N ASN A 346 0.74 -21.71 -3.77
CA ASN A 346 -0.63 -21.67 -4.28
C ASN A 346 -1.51 -22.66 -3.54
N LEU A 347 -0.95 -23.78 -3.12
CA LEU A 347 -1.74 -24.81 -2.43
C LEU A 347 -2.01 -24.42 -0.98
N LYS A 348 -1.11 -23.64 -0.36
CA LYS A 348 -1.38 -23.15 0.98
C LYS A 348 -2.43 -22.04 0.99
N ASP A 349 -2.59 -21.32 -0.11
CA ASP A 349 -3.64 -20.31 -0.19
C ASP A 349 -5.02 -20.94 -0.32
N CYS A 350 -5.09 -22.09 -1.00
CA CYS A 350 -6.35 -22.77 -1.20
C CYS A 350 -6.69 -23.76 -0.11
N GLY A 351 -5.81 -23.95 0.87
CA GLY A 351 -6.08 -24.82 1.97
C GLY A 351 -5.67 -26.26 1.79
N LEU A 352 -5.12 -26.64 0.62
CA LEU A 352 -4.78 -28.03 0.38
C LEU A 352 -3.52 -28.44 1.13
N PHE A 353 -2.74 -27.49 1.62
CA PHE A 353 -1.61 -27.79 2.48
C PHE A 353 -1.82 -27.26 3.89
N LEU B 17 51.07 1.53 26.56
CA LEU B 17 51.13 0.07 26.50
C LEU B 17 49.71 -0.46 26.70
N ASP B 18 49.37 -0.72 27.95
CA ASP B 18 48.02 -1.10 28.35
C ASP B 18 47.53 -0.15 29.44
N GLU B 19 48.39 0.79 29.84
CA GLU B 19 48.00 1.78 30.83
C GLU B 19 47.02 2.80 30.25
N LEU B 20 46.95 2.91 28.92
CA LEU B 20 45.89 3.68 28.30
C LEU B 20 44.54 2.97 28.43
N ARG B 21 44.54 1.63 28.51
CA ARG B 21 43.28 0.91 28.67
C ARG B 21 42.75 1.08 30.09
N GLN B 22 43.61 0.97 31.09
CA GLN B 22 43.15 1.07 32.48
C GLN B 22 42.82 2.51 32.85
N GLU B 23 43.43 3.50 32.16
CA GLU B 23 43.07 4.89 32.37
C GLU B 23 41.66 5.17 31.88
N ALA B 24 41.22 4.46 30.83
CA ALA B 24 39.87 4.62 30.32
C ALA B 24 38.84 4.08 31.29
N GLU B 25 39.24 3.13 32.15
CA GLU B 25 38.28 2.53 33.07
C GLU B 25 38.05 3.44 34.27
N GLN B 26 39.11 4.08 34.79
CA GLN B 26 38.88 5.05 35.86
C GLN B 26 38.29 6.35 35.33
N LEU B 27 38.46 6.61 34.03
CA LEU B 27 37.75 7.72 33.41
C LEU B 27 36.26 7.44 33.35
N LYS B 28 35.88 6.18 33.17
CA LYS B 28 34.47 5.80 33.25
C LYS B 28 33.99 5.79 34.69
N ASN B 29 34.91 5.54 35.64
CA ASN B 29 34.54 5.61 37.05
C ASN B 29 34.34 7.05 37.50
N GLN B 30 35.06 7.98 36.89
CA GLN B 30 34.89 9.39 37.22
C GLN B 30 33.56 9.92 36.68
N ILE B 31 33.15 9.42 35.51
CA ILE B 31 31.88 9.83 34.91
C ILE B 31 30.71 9.24 35.70
N ARG B 32 30.84 7.99 36.12
CA ARG B 32 29.78 7.33 36.88
C ARG B 32 29.63 7.94 38.27
N ASP B 33 30.75 8.34 38.88
CA ASP B 33 30.68 9.03 40.17
C ASP B 33 30.16 10.45 40.02
N ALA B 34 30.33 11.05 38.84
CA ALA B 34 29.78 12.38 38.60
C ALA B 34 28.29 12.31 38.33
N ARG B 35 27.81 11.21 37.72
CA ARG B 35 26.39 11.03 37.50
C ARG B 35 25.67 10.74 38.80
N LYS B 36 26.32 9.98 39.69
CA LYS B 36 25.70 9.62 40.96
C LYS B 36 25.71 10.80 41.92
N ALA B 37 26.65 11.74 41.74
CA ALA B 37 26.71 12.91 42.60
C ALA B 37 25.57 13.87 42.33
N CYS B 38 25.03 13.87 41.10
CA CYS B 38 23.88 14.69 40.79
C CYS B 38 22.56 13.96 41.02
N ALA B 39 22.58 12.63 41.17
CA ALA B 39 21.36 11.86 41.34
C ALA B 39 20.80 11.98 42.76
N ASP B 40 20.16 13.11 43.08
CA ASP B 40 19.61 13.27 44.41
C ASP B 40 18.17 12.75 44.49
N ALA B 41 17.33 13.12 43.54
CA ALA B 41 15.92 12.70 43.55
C ALA B 41 15.48 12.31 42.16
N THR B 42 14.76 11.20 42.07
CA THR B 42 14.34 10.67 40.79
C THR B 42 13.19 11.50 40.22
N LEU B 43 12.92 11.29 38.92
CA LEU B 43 11.80 11.98 38.27
C LEU B 43 10.48 11.39 38.73
N SER B 44 10.47 10.13 39.18
CA SER B 44 9.27 9.54 39.74
C SER B 44 8.96 10.11 41.12
N GLN B 45 9.97 10.66 41.80
CA GLN B 45 9.76 11.20 43.14
C GLN B 45 9.19 12.61 43.08
N ILE B 46 9.56 13.37 42.05
CA ILE B 46 9.12 14.76 41.97
C ILE B 46 7.67 14.83 41.50
N THR B 47 7.31 14.00 40.53
CA THR B 47 5.99 14.04 39.91
C THR B 47 4.94 13.20 40.64
N ASN B 48 5.10 12.92 41.93
CA ASN B 48 4.02 12.28 42.67
C ASN B 48 2.88 13.24 42.95
N ASN B 49 3.14 14.54 42.96
CA ASN B 49 2.11 15.50 43.34
C ASN B 49 1.33 16.00 42.13
N ILE B 50 1.90 15.86 40.93
CA ILE B 50 1.21 16.33 39.73
C ILE B 50 0.09 15.37 39.38
N ASP B 51 -0.87 15.86 38.60
CA ASP B 51 -2.04 15.07 38.30
C ASP B 51 -1.74 14.03 37.22
N PRO B 52 -2.31 12.83 37.34
CA PRO B 52 -2.13 11.84 36.29
C PRO B 52 -2.98 12.17 35.07
N VAL B 53 -2.44 11.86 33.89
CA VAL B 53 -3.18 12.03 32.65
C VAL B 53 -4.30 11.00 32.61
N GLY B 54 -5.49 11.44 32.19
CA GLY B 54 -6.56 10.49 31.95
C GLY B 54 -6.26 9.58 30.78
N ARG B 55 -7.06 8.52 30.67
CA ARG B 55 -6.82 7.50 29.66
C ARG B 55 -7.08 8.04 28.27
N ILE B 56 -6.00 8.29 27.54
CA ILE B 56 -6.07 8.94 26.24
C ILE B 56 -6.63 7.98 25.22
N GLN B 57 -7.75 8.37 24.60
CA GLN B 57 -8.45 7.50 23.66
C GLN B 57 -8.42 8.19 22.29
N MET B 58 -7.34 7.96 21.55
CA MET B 58 -7.27 8.44 20.19
C MET B 58 -7.90 7.43 19.24
N ARG B 59 -8.81 7.91 18.40
CA ARG B 59 -9.44 7.07 17.40
C ARG B 59 -8.77 7.26 16.04
N THR B 60 -8.98 6.29 15.16
CA THR B 60 -8.45 6.40 13.81
C THR B 60 -9.32 7.34 12.99
N ARG B 61 -8.74 8.46 12.57
CA ARG B 61 -9.44 9.43 11.75
C ARG B 61 -9.28 9.16 10.26
N ARG B 62 -8.08 8.85 9.82
CA ARG B 62 -7.84 8.56 8.42
C ARG B 62 -6.94 7.35 8.31
N THR B 63 -7.32 6.42 7.44
CA THR B 63 -6.45 5.32 7.04
C THR B 63 -5.99 5.59 5.61
N LEU B 64 -4.68 5.64 5.43
CA LEU B 64 -4.11 5.95 4.12
C LEU B 64 -3.65 4.67 3.45
N ARG B 65 -4.38 4.24 2.43
CA ARG B 65 -4.10 3.01 1.72
C ARG B 65 -3.58 3.33 0.34
N GLY B 66 -2.80 2.42 -0.21
CA GLY B 66 -2.19 2.62 -1.50
C GLY B 66 -0.81 2.00 -1.61
N HIS B 67 -0.19 1.73 -0.46
CA HIS B 67 1.07 1.00 -0.45
C HIS B 67 0.78 -0.48 -0.64
N LEU B 68 1.71 -1.19 -1.27
CA LEU B 68 1.54 -2.61 -1.54
C LEU B 68 2.60 -3.47 -0.86
N ALA B 69 3.35 -2.90 0.08
CA ALA B 69 4.36 -3.64 0.81
C ALA B 69 4.50 -3.01 2.18
N LYS B 70 5.55 -3.41 2.88
CA LYS B 70 5.75 -2.96 4.25
C LYS B 70 6.23 -1.52 4.28
N ILE B 71 5.46 -0.66 4.94
CA ILE B 71 5.88 0.71 5.18
C ILE B 71 7.00 0.72 6.21
N TYR B 72 8.10 1.37 5.89
CA TYR B 72 9.26 1.39 6.77
C TYR B 72 9.50 2.71 7.47
N ALA B 73 9.11 3.84 6.87
CA ALA B 73 9.29 5.13 7.51
C ALA B 73 8.25 6.12 7.01
N MET B 74 7.96 7.10 7.87
CA MET B 74 7.20 8.27 7.46
C MET B 74 7.86 9.50 8.05
N HIS B 75 7.50 10.67 7.50
CA HIS B 75 7.88 11.93 8.10
C HIS B 75 6.80 12.95 7.80
N TRP B 76 6.37 13.66 8.84
CA TRP B 76 5.39 14.72 8.68
C TRP B 76 6.03 15.94 8.03
N GLY B 77 5.20 16.82 7.49
CA GLY B 77 5.69 18.11 7.04
C GLY B 77 5.60 19.15 8.15
N THR B 78 6.23 20.29 7.91
CA THR B 78 6.12 21.39 8.87
C THR B 78 4.78 22.11 8.74
N ASP B 79 4.07 21.91 7.63
CA ASP B 79 2.71 22.40 7.49
C ASP B 79 1.69 21.54 8.20
N SER B 80 2.10 20.40 8.75
CA SER B 80 1.30 19.46 9.53
C SER B 80 0.13 18.89 8.75
N ARG B 81 0.24 18.85 7.42
CA ARG B 81 -0.82 18.33 6.57
C ARG B 81 -0.25 17.29 5.62
N LEU B 82 0.95 17.53 5.11
CA LEU B 82 1.57 16.63 4.16
C LEU B 82 2.54 15.68 4.86
N LEU B 83 2.45 14.40 4.52
CA LEU B 83 3.36 13.41 5.05
C LEU B 83 3.82 12.50 3.92
N VAL B 84 5.10 12.16 3.95
CA VAL B 84 5.71 11.24 3.01
C VAL B 84 5.81 9.89 3.70
N SER B 85 5.83 8.81 2.92
CA SER B 85 5.94 7.48 3.47
C SER B 85 6.76 6.61 2.53
N ALA B 86 7.61 5.77 3.12
CA ALA B 86 8.50 4.89 2.37
C ALA B 86 8.07 3.45 2.57
N SER B 87 7.97 2.71 1.48
CA SER B 87 7.59 1.31 1.53
C SER B 87 8.50 0.51 0.62
N GLN B 88 8.51 -0.81 0.85
CA GLN B 88 9.38 -1.71 0.11
C GLN B 88 8.89 -2.02 -1.29
N ASP B 89 7.75 -1.47 -1.72
CA ASP B 89 7.31 -1.62 -3.09
C ASP B 89 8.06 -0.72 -4.06
N GLY B 90 8.94 0.16 -3.57
CA GLY B 90 9.66 1.07 -4.41
C GLY B 90 8.97 2.38 -4.62
N LYS B 91 8.03 2.74 -3.75
CA LYS B 91 7.21 3.93 -3.91
C LYS B 91 7.35 4.83 -2.70
N LEU B 92 7.47 6.14 -2.97
CA LEU B 92 7.54 7.16 -1.96
C LEU B 92 6.35 8.09 -2.15
N ILE B 93 5.28 7.87 -1.39
CA ILE B 93 4.01 8.55 -1.61
C ILE B 93 3.88 9.71 -0.65
N ILE B 94 3.58 10.89 -1.21
CA ILE B 94 3.28 12.09 -0.42
C ILE B 94 1.78 12.20 -0.30
N TRP B 95 1.28 12.20 0.93
CA TRP B 95 -0.16 12.16 1.18
C TRP B 95 -0.65 13.51 1.67
N ASP B 96 -1.85 13.87 1.24
CA ASP B 96 -2.63 14.94 1.86
C ASP B 96 -3.47 14.28 2.95
N SER B 97 -3.07 14.46 4.21
CA SER B 97 -3.72 13.75 5.30
C SER B 97 -5.11 14.28 5.63
N TYR B 98 -5.44 15.49 5.18
CA TYR B 98 -6.77 16.04 5.47
C TYR B 98 -7.83 15.37 4.60
N THR B 99 -7.49 15.03 3.36
CA THR B 99 -8.46 14.50 2.42
C THR B 99 -8.12 13.13 1.88
N THR B 100 -7.11 12.44 2.45
CA THR B 100 -6.56 11.16 2.02
C THR B 100 -6.09 11.16 0.58
N ASN B 101 -5.69 12.30 0.04
CA ASN B 101 -5.30 12.37 -1.36
C ASN B 101 -3.80 12.14 -1.51
N LYS B 102 -3.42 11.45 -2.58
CA LYS B 102 -2.01 11.22 -2.88
C LYS B 102 -1.52 12.36 -3.75
N VAL B 103 -0.61 13.18 -3.21
CA VAL B 103 -0.09 14.32 -3.95
C VAL B 103 0.93 13.86 -4.99
N HIS B 104 1.88 13.02 -4.58
CA HIS B 104 2.91 12.52 -5.47
C HIS B 104 3.13 11.03 -5.20
N ALA B 105 3.59 10.33 -6.22
CA ALA B 105 4.05 8.96 -6.10
C ALA B 105 5.38 8.86 -6.82
N ILE B 106 6.46 8.77 -6.05
CA ILE B 106 7.82 8.84 -6.57
C ILE B 106 8.37 7.44 -6.69
N PRO B 107 8.66 6.95 -7.89
CA PRO B 107 9.36 5.66 -8.01
C PRO B 107 10.81 5.79 -7.59
N LEU B 108 11.31 4.75 -6.92
CA LEU B 108 12.64 4.73 -6.36
C LEU B 108 13.52 3.78 -7.15
N ARG B 109 14.80 4.13 -7.27
CA ARG B 109 15.73 3.30 -8.04
C ARG B 109 16.08 2.00 -7.32
N SER B 110 15.88 1.93 -6.01
CA SER B 110 16.03 0.70 -5.25
C SER B 110 14.89 0.62 -4.25
N SER B 111 14.19 -0.51 -4.24
CA SER B 111 13.02 -0.67 -3.39
C SER B 111 13.35 -0.97 -1.95
N TRP B 112 14.62 -1.04 -1.58
CA TRP B 112 15.03 -1.45 -0.25
C TRP B 112 15.23 -0.25 0.67
N VAL B 113 14.20 0.59 0.75
CA VAL B 113 14.30 1.78 1.57
C VAL B 113 14.04 1.45 3.03
N MET B 114 14.69 2.21 3.90
CA MET B 114 14.55 2.07 5.33
C MET B 114 14.29 3.38 6.05
N THR B 115 14.42 4.51 5.37
CA THR B 115 14.15 5.80 5.98
C THR B 115 13.64 6.77 4.93
N CYS B 116 13.00 7.82 5.40
CA CYS B 116 12.54 8.90 4.55
C CYS B 116 12.44 10.18 5.37
N ALA B 117 12.70 11.30 4.70
CA ALA B 117 12.68 12.60 5.35
C ALA B 117 11.94 13.58 4.45
N TYR B 118 11.25 14.52 5.09
CA TYR B 118 10.58 15.61 4.40
C TYR B 118 11.30 16.89 4.81
N ALA B 119 11.63 17.72 3.82
CA ALA B 119 12.37 18.95 4.10
C ALA B 119 11.49 19.93 4.87
N PRO B 120 12.07 20.78 5.73
CA PRO B 120 11.24 21.74 6.48
C PRO B 120 10.61 22.81 5.60
N SER B 121 11.21 23.10 4.44
CA SER B 121 10.61 24.05 3.51
C SER B 121 9.56 23.40 2.62
N GLY B 122 9.52 22.08 2.56
CA GLY B 122 8.58 21.38 1.71
C GLY B 122 9.04 21.16 0.28
N ASN B 123 10.25 21.60 -0.06
CA ASN B 123 10.71 21.51 -1.43
C ASN B 123 11.31 20.15 -1.76
N TYR B 124 11.76 19.41 -0.74
CA TYR B 124 12.56 18.22 -0.98
C TYR B 124 12.08 17.05 -0.13
N VAL B 125 12.34 15.84 -0.62
CA VAL B 125 12.18 14.62 0.16
C VAL B 125 13.45 13.79 -0.02
N ALA B 126 13.80 13.04 1.02
CA ALA B 126 14.94 12.14 0.98
C ALA B 126 14.49 10.71 1.26
N CYS B 127 15.32 9.76 0.86
CA CYS B 127 15.10 8.36 1.18
C CYS B 127 16.44 7.64 1.11
N GLY B 128 16.48 6.46 1.70
CA GLY B 128 17.69 5.67 1.68
C GLY B 128 17.44 4.31 2.29
N GLY B 129 18.44 3.45 2.15
CA GLY B 129 18.31 2.10 2.65
C GLY B 129 19.49 1.21 2.33
N LEU B 130 19.20 0.01 1.79
CA LEU B 130 20.22 -0.99 1.53
C LEU B 130 21.08 -0.67 0.32
N ASP B 131 20.77 0.39 -0.42
CA ASP B 131 21.60 0.84 -1.53
C ASP B 131 22.76 1.72 -1.08
N ASN B 132 22.79 2.07 0.21
CA ASN B 132 23.74 2.93 0.90
C ASN B 132 23.72 4.36 0.37
N ILE B 133 22.66 4.76 -0.33
CA ILE B 133 22.62 6.07 -0.95
C ILE B 133 21.40 6.85 -0.45
N CYS B 134 21.64 8.09 -0.03
CA CYS B 134 20.57 9.02 0.34
C CYS B 134 20.21 9.85 -0.88
N SER B 135 19.02 9.61 -1.43
CA SER B 135 18.59 10.29 -2.64
C SER B 135 17.62 11.42 -2.31
N ILE B 136 18.01 12.64 -2.66
CA ILE B 136 17.20 13.84 -2.44
C ILE B 136 16.40 14.09 -3.70
N TYR B 137 15.09 14.25 -3.55
CA TYR B 137 14.19 14.45 -4.67
C TYR B 137 13.65 15.87 -4.65
N ASN B 138 13.40 16.43 -5.83
CA ASN B 138 12.91 17.80 -5.96
C ASN B 138 11.43 17.77 -6.28
N LEU B 139 10.62 18.32 -5.38
CA LEU B 139 9.17 18.34 -5.56
C LEU B 139 8.67 19.57 -6.30
N LYS B 140 9.45 20.66 -6.29
CA LYS B 140 8.99 21.95 -6.81
C LYS B 140 9.63 22.28 -8.15
N THR B 141 9.76 21.29 -9.03
CA THR B 141 10.31 21.54 -10.35
C THR B 141 9.32 22.32 -11.21
N ARG B 142 9.85 22.98 -12.26
CA ARG B 142 8.97 23.65 -13.20
C ARG B 142 8.25 22.64 -14.09
N GLU B 143 8.88 21.50 -14.35
CA GLU B 143 8.17 20.34 -14.86
C GLU B 143 7.30 19.75 -13.77
N GLY B 144 6.31 18.97 -14.18
CA GLY B 144 5.37 18.45 -13.21
C GLY B 144 5.79 17.19 -12.49
N ASN B 145 6.97 16.66 -12.79
CA ASN B 145 7.39 15.39 -12.21
C ASN B 145 8.46 15.62 -11.15
N VAL B 146 8.59 14.66 -10.24
CA VAL B 146 9.60 14.74 -9.19
C VAL B 146 10.89 14.13 -9.71
N ARG B 147 11.97 14.92 -9.68
CA ARG B 147 13.26 14.53 -10.21
C ARG B 147 14.23 14.26 -9.07
N VAL B 148 15.25 13.48 -9.35
CA VAL B 148 16.31 13.20 -8.37
C VAL B 148 17.27 14.37 -8.38
N SER B 149 17.39 15.08 -7.26
CA SER B 149 18.34 16.18 -7.18
C SER B 149 19.77 15.66 -7.03
N ARG B 150 20.03 14.91 -5.96
CA ARG B 150 21.36 14.40 -5.68
C ARG B 150 21.27 12.96 -5.21
N GLU B 151 22.42 12.30 -5.22
CA GLU B 151 22.56 10.95 -4.68
C GLU B 151 23.84 10.90 -3.85
N LEU B 152 23.68 10.93 -2.53
CA LEU B 152 24.81 10.94 -1.61
C LEU B 152 25.34 9.52 -1.49
N ALA B 153 26.53 9.28 -2.05
CA ALA B 153 26.99 7.92 -2.32
C ALA B 153 27.81 7.32 -1.17
N GLY B 154 28.77 8.07 -0.65
CA GLY B 154 29.82 7.48 0.15
C GLY B 154 29.51 7.19 1.60
N HIS B 155 28.78 6.11 1.88
CA HIS B 155 28.45 5.81 3.27
C HIS B 155 28.58 4.35 3.67
N THR B 156 28.99 3.46 2.75
CA THR B 156 29.48 2.08 2.92
C THR B 156 28.71 1.20 3.93
N GLY B 157 27.43 1.47 4.12
CA GLY B 157 26.60 0.69 5.00
C GLY B 157 25.15 1.07 4.82
N TYR B 158 24.22 0.27 5.33
CA TYR B 158 22.80 0.51 5.08
C TYR B 158 22.35 1.77 5.80
N LEU B 159 21.68 2.65 5.07
CA LEU B 159 21.39 3.99 5.57
C LEU B 159 20.12 3.95 6.40
N SER B 160 20.26 4.17 7.70
CA SER B 160 19.20 3.92 8.66
C SER B 160 18.28 5.10 8.90
N CYS B 161 18.81 6.32 8.88
CA CYS B 161 18.00 7.50 9.13
C CYS B 161 18.58 8.65 8.32
N CYS B 162 17.72 9.61 8.02
CA CYS B 162 18.14 10.85 7.38
C CYS B 162 17.20 11.96 7.83
N ARG B 163 17.79 13.12 8.11
CA ARG B 163 17.03 14.25 8.62
C ARG B 163 17.57 15.53 8.01
N PHE B 164 16.69 16.38 7.54
CA PHE B 164 17.07 17.63 6.90
C PHE B 164 17.37 18.70 7.94
N LEU B 165 18.58 19.26 7.89
CA LEU B 165 18.84 20.49 8.62
C LEU B 165 18.24 21.69 7.91
N ASP B 166 18.74 21.98 6.71
CA ASP B 166 18.26 23.05 5.84
C ASP B 166 17.93 22.42 4.50
N ASP B 167 17.75 23.27 3.49
CA ASP B 167 17.59 22.76 2.13
C ASP B 167 18.90 22.26 1.55
N ASN B 168 20.04 22.63 2.14
CA ASN B 168 21.35 22.26 1.61
C ASN B 168 22.14 21.36 2.54
N GLN B 169 21.64 21.10 3.74
CA GLN B 169 22.33 20.27 4.71
C GLN B 169 21.42 19.15 5.19
N ILE B 170 21.91 17.92 5.10
CA ILE B 170 21.18 16.75 5.59
C ILE B 170 22.17 15.85 6.34
N VAL B 171 21.76 15.38 7.51
CA VAL B 171 22.56 14.45 8.30
C VAL B 171 21.95 13.06 8.13
N THR B 172 22.82 12.06 8.08
CA THR B 172 22.40 10.67 7.85
C THR B 172 23.04 9.77 8.89
N SER B 173 22.40 8.63 9.13
CA SER B 173 22.98 7.54 9.89
C SER B 173 23.08 6.31 9.02
N SER B 174 24.09 5.49 9.28
CA SER B 174 24.28 4.28 8.50
C SER B 174 24.76 3.15 9.39
N GLY B 175 24.79 1.96 8.81
CA GLY B 175 25.24 0.78 9.55
C GLY B 175 26.73 0.56 9.46
N ASP B 176 27.48 1.55 8.99
CA ASP B 176 28.93 1.51 9.01
C ASP B 176 29.51 2.12 10.28
N THR B 177 28.67 2.21 11.31
CA THR B 177 28.89 2.78 12.63
C THR B 177 29.13 4.28 12.61
N THR B 178 28.89 4.96 11.51
CA THR B 178 29.16 6.39 11.41
C THR B 178 27.90 7.17 11.05
N CYS B 179 27.90 8.43 11.43
CA CYS B 179 26.95 9.43 10.95
C CYS B 179 27.71 10.45 10.12
N ALA B 180 27.01 11.09 9.20
CA ALA B 180 27.63 12.00 8.25
C ALA B 180 26.71 13.16 7.95
N LEU B 181 27.24 14.37 8.03
CA LEU B 181 26.55 15.58 7.59
C LEU B 181 26.98 15.88 6.17
N TRP B 182 26.01 16.09 5.28
CA TRP B 182 26.26 16.24 3.87
C TRP B 182 25.96 17.67 3.43
N ASP B 183 26.69 18.12 2.42
CA ASP B 183 26.33 19.32 1.68
C ASP B 183 25.69 18.84 0.37
N ILE B 184 24.45 19.26 0.13
CA ILE B 184 23.69 18.70 -0.97
C ILE B 184 24.19 19.23 -2.31
N GLU B 185 24.48 20.54 -2.37
CA GLU B 185 24.88 21.17 -3.63
C GLU B 185 26.22 20.64 -4.13
N THR B 186 27.16 20.39 -3.22
CA THR B 186 28.44 19.82 -3.63
C THR B 186 28.41 18.29 -3.66
N GLY B 187 27.47 17.67 -2.96
CA GLY B 187 27.38 16.22 -2.97
C GLY B 187 28.45 15.52 -2.17
N GLN B 188 29.07 16.21 -1.22
CA GLN B 188 30.15 15.66 -0.42
C GLN B 188 29.82 15.77 1.05
N GLN B 189 30.24 14.78 1.83
CA GLN B 189 30.04 14.81 3.27
C GLN B 189 31.06 15.74 3.90
N THR B 190 30.57 16.76 4.61
CA THR B 190 31.46 17.76 5.19
C THR B 190 31.93 17.39 6.58
N THR B 191 31.20 16.54 7.30
CA THR B 191 31.55 16.17 8.65
C THR B 191 31.12 14.73 8.91
N THR B 192 32.07 13.90 9.32
CA THR B 192 31.82 12.50 9.64
C THR B 192 31.90 12.31 11.14
N PHE B 193 30.95 11.59 11.70
CA PHE B 193 30.86 11.34 13.14
C PHE B 193 31.19 9.88 13.40
N THR B 194 32.41 9.70 13.93
CA THR B 194 32.92 8.34 14.09
C THR B 194 33.20 8.02 15.55
N GLY B 195 32.18 8.05 16.38
CA GLY B 195 32.32 7.61 17.75
C GLY B 195 31.72 6.25 18.06
N HIS B 196 30.79 5.77 17.24
CA HIS B 196 30.00 4.61 17.61
C HIS B 196 30.77 3.31 17.39
N THR B 197 30.35 2.28 18.11
CA THR B 197 30.91 0.94 17.96
C THR B 197 30.03 0.03 17.12
N GLY B 198 28.70 0.17 17.24
CA GLY B 198 27.77 -0.64 16.48
C GLY B 198 27.03 0.18 15.42
N ASP B 199 26.09 -0.49 14.78
CA ASP B 199 25.36 0.08 13.65
C ASP B 199 24.38 1.14 14.13
N VAL B 200 24.55 2.36 13.64
CA VAL B 200 23.69 3.48 14.03
C VAL B 200 22.33 3.31 13.37
N MET B 201 21.27 3.43 14.15
CA MET B 201 19.94 3.07 13.71
C MET B 201 18.97 4.24 13.61
N SER B 202 19.16 5.31 14.40
CA SER B 202 18.17 6.36 14.45
C SER B 202 18.83 7.72 14.65
N LEU B 203 18.16 8.76 14.17
CA LEU B 203 18.56 10.15 14.32
C LEU B 203 17.44 10.94 14.99
N SER B 204 17.82 12.08 15.57
CA SER B 204 16.86 13.07 16.04
C SER B 204 17.58 14.41 16.13
N LEU B 205 17.17 15.36 15.31
CA LEU B 205 17.74 16.69 15.36
C LEU B 205 17.14 17.48 16.50
N ALA B 206 17.93 18.38 17.05
CA ALA B 206 17.43 19.28 18.09
C ALA B 206 16.58 20.37 17.42
N PRO B 207 15.68 21.02 18.19
CA PRO B 207 14.90 22.13 17.60
C PRO B 207 15.73 23.32 17.14
N ASP B 208 16.87 23.60 17.76
CA ASP B 208 17.70 24.71 17.32
C ASP B 208 18.69 24.31 16.23
N THR B 209 18.61 23.08 15.72
CA THR B 209 19.42 22.49 14.66
C THR B 209 20.93 22.57 14.90
N ARG B 210 21.36 22.64 16.16
CA ARG B 210 22.79 22.69 16.45
C ARG B 210 23.33 21.35 16.93
N LEU B 211 22.49 20.52 17.54
CA LEU B 211 22.92 19.22 18.04
C LEU B 211 22.00 18.15 17.50
N PHE B 212 22.46 16.90 17.57
CA PHE B 212 21.60 15.76 17.29
C PHE B 212 22.10 14.54 18.05
N VAL B 213 21.17 13.66 18.37
CA VAL B 213 21.48 12.41 19.04
C VAL B 213 21.37 11.27 18.04
N SER B 214 22.02 10.15 18.36
CA SER B 214 22.06 9.00 17.49
C SER B 214 22.23 7.74 18.32
N GLY B 215 21.26 6.83 18.23
CA GLY B 215 21.32 5.56 18.91
C GLY B 215 21.85 4.49 18.00
N ALA B 216 22.58 3.53 18.56
CA ALA B 216 23.19 2.48 17.76
C ALA B 216 22.96 1.14 18.43
N CYS B 217 23.58 0.11 17.85
CA CYS B 217 23.41 -1.25 18.31
C CYS B 217 24.37 -1.62 19.45
N ASP B 218 25.19 -0.69 19.90
CA ASP B 218 26.02 -0.94 21.08
C ASP B 218 25.37 -0.43 22.36
N ALA B 219 24.04 -0.29 22.37
CA ALA B 219 23.23 0.18 23.48
C ALA B 219 23.66 1.56 23.98
N SER B 220 24.13 2.42 23.09
CA SER B 220 24.60 3.74 23.48
C SER B 220 24.10 4.81 22.53
N ALA B 221 23.54 5.87 23.10
CA ALA B 221 23.16 7.06 22.36
C ALA B 221 24.17 8.16 22.64
N LYS B 222 24.60 8.84 21.58
CA LYS B 222 25.62 9.87 21.68
C LYS B 222 25.04 11.21 21.22
N LEU B 223 25.37 12.27 21.96
CA LEU B 223 24.98 13.62 21.59
C LEU B 223 26.08 14.27 20.78
N TRP B 224 25.76 14.67 19.55
CA TRP B 224 26.73 15.17 18.60
C TRP B 224 26.58 16.67 18.42
N ASP B 225 27.68 17.33 18.08
CA ASP B 225 27.67 18.73 17.68
C ASP B 225 27.82 18.80 16.17
N VAL B 226 26.93 19.56 15.51
CA VAL B 226 26.95 19.61 14.05
C VAL B 226 28.11 20.46 13.56
N ARG B 227 28.34 21.60 14.20
CA ARG B 227 29.37 22.53 13.74
C ARG B 227 30.77 22.01 13.99
N GLU B 228 31.02 21.50 15.20
CA GLU B 228 32.35 21.02 15.54
C GLU B 228 32.62 19.59 15.08
N GLY B 229 31.61 18.74 15.04
CA GLY B 229 31.81 17.35 14.69
C GLY B 229 32.28 16.47 15.81
N MET B 230 32.12 16.90 17.05
CA MET B 230 32.62 16.16 18.21
C MET B 230 31.46 15.56 18.98
N CYS B 231 31.72 14.40 19.57
CA CYS B 231 30.75 13.76 20.46
C CYS B 231 30.76 14.47 21.81
N ARG B 232 29.66 15.13 22.15
CA ARG B 232 29.59 15.85 23.41
C ARG B 232 29.32 14.95 24.59
N GLN B 233 28.33 14.05 24.49
CA GLN B 233 27.96 13.19 25.60
C GLN B 233 27.69 11.79 25.07
N THR B 234 27.71 10.82 25.99
CA THR B 234 27.45 9.42 25.68
C THR B 234 26.65 8.80 26.81
N PHE B 235 25.56 8.12 26.47
CA PHE B 235 24.60 7.59 27.42
C PHE B 235 24.54 6.08 27.28
N THR B 236 24.71 5.37 28.39
CA THR B 236 24.94 3.92 28.37
C THR B 236 23.97 3.14 29.24
N GLY B 237 22.66 3.40 29.14
CA GLY B 237 21.72 2.77 30.05
C GLY B 237 21.12 1.48 29.52
N HIS B 238 21.05 1.33 28.20
CA HIS B 238 20.24 0.26 27.62
C HIS B 238 20.93 -1.09 27.68
N GLU B 239 20.20 -2.12 27.28
CA GLU B 239 20.69 -3.49 27.27
C GLU B 239 20.90 -4.05 25.87
N SER B 240 20.27 -3.48 24.85
CA SER B 240 20.42 -3.96 23.48
C SER B 240 20.27 -2.79 22.52
N ASP B 241 20.01 -3.11 21.26
CA ASP B 241 20.11 -2.15 20.17
C ASP B 241 19.02 -1.10 20.24
N ILE B 242 19.42 0.16 20.19
CA ILE B 242 18.49 1.29 20.21
C ILE B 242 17.98 1.47 18.78
N ASN B 243 16.69 1.21 18.58
CA ASN B 243 16.10 1.34 17.26
C ASN B 243 15.50 2.71 17.02
N ALA B 244 15.01 3.36 18.07
CA ALA B 244 14.31 4.63 17.93
C ALA B 244 14.89 5.66 18.87
N ILE B 245 14.82 6.93 18.46
CA ILE B 245 15.26 8.04 19.28
C ILE B 245 14.47 9.27 18.86
N CYS B 246 14.27 10.19 19.81
CA CYS B 246 13.44 11.36 19.56
C CYS B 246 13.77 12.42 20.60
N PHE B 247 13.97 13.65 20.14
CA PHE B 247 14.23 14.76 21.06
C PHE B 247 12.95 15.22 21.74
N PHE B 248 13.10 15.63 23.00
CA PHE B 248 12.07 16.40 23.68
C PHE B 248 11.89 17.74 22.96
N PRO B 249 10.69 18.33 22.99
CA PRO B 249 10.51 19.64 22.35
C PRO B 249 11.30 20.78 22.99
N ASN B 250 11.76 20.60 24.23
CA ASN B 250 12.65 21.57 24.84
C ASN B 250 14.02 21.57 24.19
N GLY B 251 14.54 20.41 23.82
CA GLY B 251 15.89 20.27 23.33
C GLY B 251 16.90 19.84 24.37
N ASN B 252 16.48 19.71 25.63
CA ASN B 252 17.36 19.32 26.71
C ASN B 252 17.19 17.87 27.12
N ALA B 253 16.32 17.12 26.44
CA ALA B 253 16.09 15.72 26.79
C ALA B 253 15.80 14.95 25.51
N PHE B 254 15.94 13.62 25.60
CA PHE B 254 15.57 12.74 24.50
C PHE B 254 15.22 11.37 25.06
N ALA B 255 14.30 10.69 24.38
CA ALA B 255 13.93 9.33 24.75
C ALA B 255 14.41 8.34 23.70
N THR B 256 14.72 7.13 24.16
CA THR B 256 15.22 6.07 23.30
C THR B 256 14.20 4.94 23.27
N GLY B 257 14.46 3.97 22.40
CA GLY B 257 13.64 2.77 22.32
C GLY B 257 14.47 1.60 21.84
N SER B 258 14.36 0.46 22.51
CA SER B 258 15.28 -0.64 22.25
C SER B 258 14.52 -1.96 22.21
N ASP B 259 15.26 -3.03 21.99
CA ASP B 259 14.73 -4.39 22.07
C ASP B 259 14.72 -4.93 23.50
N ASP B 260 14.90 -4.08 24.50
CA ASP B 260 14.79 -4.46 25.91
C ASP B 260 13.35 -4.43 26.39
N ALA B 261 12.41 -4.16 25.47
CA ALA B 261 11.05 -3.70 25.77
C ALA B 261 11.05 -2.51 26.71
N THR B 262 11.98 -1.57 26.47
CA THR B 262 12.24 -0.47 27.37
C THR B 262 12.47 0.80 26.59
N CYS B 263 11.65 1.80 26.84
CA CYS B 263 11.97 3.18 26.49
C CYS B 263 12.47 3.90 27.73
N ARG B 264 13.45 4.79 27.52
CA ARG B 264 13.95 5.54 28.66
C ARG B 264 14.36 6.93 28.22
N LEU B 265 14.14 7.89 29.11
CA LEU B 265 14.38 9.30 28.86
C LEU B 265 15.71 9.71 29.46
N PHE B 266 16.57 10.31 28.64
CA PHE B 266 17.85 10.82 29.08
C PHE B 266 17.81 12.34 29.11
N ASP B 267 18.72 12.94 29.86
CA ASP B 267 18.83 14.39 29.98
C ASP B 267 20.24 14.82 29.58
N LEU B 268 20.31 15.84 28.74
CA LEU B 268 21.60 16.31 28.26
C LEU B 268 22.35 17.14 29.29
N ARG B 269 21.67 17.61 30.32
CA ARG B 269 22.30 18.45 31.32
C ARG B 269 22.67 17.67 32.58
N ALA B 270 21.81 16.76 33.02
CA ALA B 270 22.16 15.88 34.14
C ALA B 270 23.03 14.73 33.68
N ASP B 271 23.08 14.48 32.37
CA ASP B 271 23.97 13.52 31.71
C ASP B 271 23.73 12.09 32.21
N GLN B 272 22.46 11.75 32.45
CA GLN B 272 22.12 10.41 32.92
C GLN B 272 20.67 10.11 32.59
N GLU B 273 20.27 8.88 32.90
CA GLU B 273 18.90 8.44 32.69
C GLU B 273 17.99 9.04 33.76
N LEU B 274 16.78 9.42 33.36
CA LEU B 274 15.82 9.99 34.30
C LEU B 274 14.74 9.01 34.69
N MET B 275 14.18 8.32 33.71
CA MET B 275 12.99 7.50 33.93
C MET B 275 12.97 6.38 32.90
N THR B 276 12.47 5.23 33.32
CA THR B 276 12.36 4.04 32.49
C THR B 276 10.89 3.73 32.22
N TYR B 277 10.53 3.59 30.96
CA TYR B 277 9.17 3.29 30.55
C TYR B 277 9.11 1.82 30.13
N SER B 278 8.74 0.95 31.06
CA SER B 278 8.72 -0.48 30.77
C SER B 278 7.56 -1.12 31.51
N HIS B 279 6.94 -2.09 30.86
CA HIS B 279 5.88 -2.89 31.47
C HIS B 279 6.24 -4.36 31.33
N ASP B 280 5.81 -5.16 32.30
CA ASP B 280 6.13 -6.58 32.30
C ASP B 280 5.33 -7.36 31.27
N ASN B 281 4.19 -6.84 30.83
CA ASN B 281 3.43 -7.50 29.77
C ASN B 281 4.07 -7.31 28.41
N ILE B 282 4.95 -6.32 28.26
CA ILE B 282 5.61 -6.02 27.00
C ILE B 282 6.96 -6.74 27.00
N ILE B 283 7.18 -7.59 25.99
CA ILE B 283 8.44 -8.30 25.84
C ILE B 283 8.94 -8.14 24.41
N CYS B 284 8.52 -7.06 23.75
CA CYS B 284 8.83 -6.86 22.34
C CYS B 284 9.62 -5.57 22.18
N GLY B 285 10.30 -5.46 21.05
CA GLY B 285 11.16 -4.31 20.83
C GLY B 285 10.39 -3.08 20.40
N ILE B 286 10.96 -1.91 20.69
CA ILE B 286 10.40 -0.65 20.25
C ILE B 286 10.98 -0.29 18.89
N THR B 287 10.11 0.00 17.94
CA THR B 287 10.56 0.34 16.60
C THR B 287 10.58 1.85 16.36
N SER B 288 9.67 2.60 16.99
CA SER B 288 9.53 4.02 16.71
C SER B 288 9.15 4.75 18.01
N VAL B 289 9.66 5.97 18.14
CA VAL B 289 9.44 6.80 19.33
C VAL B 289 9.21 8.23 18.87
N SER B 290 8.14 8.84 19.37
CA SER B 290 7.86 10.25 19.11
C SER B 290 7.26 10.87 20.36
N PHE B 291 7.43 12.18 20.48
CA PHE B 291 6.92 12.96 21.60
C PHE B 291 5.71 13.78 21.16
N SER B 292 4.91 14.19 22.13
CA SER B 292 3.84 15.14 21.87
C SER B 292 4.40 16.56 21.78
N LYS B 293 3.50 17.53 21.62
CA LYS B 293 3.93 18.92 21.47
C LYS B 293 4.41 19.48 22.80
N SER B 294 3.83 19.03 23.90
CA SER B 294 4.29 19.45 25.22
C SER B 294 5.39 18.56 25.77
N GLY B 295 5.55 17.35 25.25
CA GLY B 295 6.42 16.37 25.84
C GLY B 295 5.80 15.59 26.96
N ARG B 296 4.52 15.80 27.26
CA ARG B 296 3.87 15.06 28.33
C ARG B 296 3.60 13.62 27.93
N LEU B 297 3.11 13.40 26.71
CA LEU B 297 2.85 12.07 26.20
C LEU B 297 4.01 11.62 25.31
N LEU B 298 4.65 10.53 25.69
CA LEU B 298 5.67 9.89 24.88
C LEU B 298 5.06 8.70 24.17
N LEU B 299 5.05 8.72 22.85
CA LEU B 299 4.41 7.68 22.07
C LEU B 299 5.49 6.73 21.55
N ALA B 300 5.22 5.44 21.64
CA ALA B 300 6.20 4.43 21.29
C ALA B 300 5.54 3.32 20.48
N GLY B 301 6.13 2.99 19.33
CA GLY B 301 5.66 1.87 18.55
C GLY B 301 6.29 0.58 19.06
N TYR B 302 5.56 -0.52 18.88
CA TYR B 302 5.96 -1.80 19.45
C TYR B 302 5.81 -2.91 18.41
N ASP B 303 6.44 -4.04 18.70
CA ASP B 303 6.28 -5.23 17.86
C ASP B 303 5.06 -6.06 18.26
N ASP B 304 4.30 -5.62 19.27
CA ASP B 304 3.06 -6.27 19.67
C ASP B 304 1.88 -5.75 18.87
N PHE B 305 2.18 -5.07 17.76
CA PHE B 305 1.28 -4.54 16.72
C PHE B 305 0.59 -3.28 17.24
N ASN B 306 0.92 -2.84 18.44
CA ASN B 306 0.27 -1.70 19.05
C ASN B 306 1.23 -0.52 19.18
N CYS B 307 0.68 0.64 19.47
CA CYS B 307 1.44 1.81 19.85
C CYS B 307 0.97 2.28 21.21
N ASN B 308 1.81 2.13 22.22
CA ASN B 308 1.48 2.51 23.58
C ASN B 308 1.92 3.96 23.81
N VAL B 309 1.02 4.77 24.33
CA VAL B 309 1.34 6.14 24.71
C VAL B 309 1.78 6.10 26.18
N TRP B 310 2.77 6.90 26.52
CA TRP B 310 3.35 6.90 27.85
C TRP B 310 3.35 8.31 28.40
N ASP B 311 2.79 8.46 29.59
CA ASP B 311 2.88 9.73 30.30
C ASP B 311 4.33 9.90 30.72
N ALA B 312 5.04 10.81 30.06
CA ALA B 312 6.50 10.85 30.12
C ALA B 312 7.03 11.44 31.42
N LEU B 313 6.16 11.84 32.34
CA LEU B 313 6.62 12.33 33.64
C LEU B 313 6.30 11.39 34.79
N LYS B 314 5.48 10.37 34.56
CA LYS B 314 5.07 9.46 35.62
C LYS B 314 5.29 7.99 35.34
N ALA B 315 5.76 7.63 34.13
CA ALA B 315 6.08 6.26 33.70
C ALA B 315 4.89 5.32 33.78
N ASP B 316 3.68 5.83 33.60
CA ASP B 316 2.51 4.97 33.52
C ASP B 316 1.90 5.01 32.13
N ARG B 317 1.32 3.89 31.71
CA ARG B 317 0.75 3.75 30.38
C ARG B 317 -0.57 4.51 30.33
N ALA B 318 -0.61 5.59 29.57
CA ALA B 318 -1.80 6.43 29.48
C ALA B 318 -2.82 5.89 28.47
N GLY B 319 -2.44 4.92 27.65
CA GLY B 319 -3.35 4.42 26.64
C GLY B 319 -2.63 3.59 25.62
N VAL B 320 -3.37 3.14 24.62
CA VAL B 320 -2.86 2.25 23.59
C VAL B 320 -3.57 2.56 22.28
N LEU B 321 -2.85 2.44 21.18
CA LEU B 321 -3.41 2.51 19.84
C LEU B 321 -3.30 1.14 19.19
N ALA B 322 -4.44 0.55 18.82
CA ALA B 322 -4.49 -0.84 18.43
C ALA B 322 -5.21 -1.07 17.10
N GLY B 323 -4.84 -0.35 16.05
CA GLY B 323 -5.52 -0.52 14.78
C GLY B 323 -4.68 -1.16 13.70
N HIS B 324 -3.55 -1.75 14.06
CA HIS B 324 -2.61 -2.28 13.09
C HIS B 324 -2.53 -3.79 13.19
N ASP B 325 -2.37 -4.44 12.04
CA ASP B 325 -2.32 -5.89 11.95
C ASP B 325 -0.91 -6.43 11.85
N ASN B 326 0.10 -5.56 11.85
CA ASN B 326 1.49 -5.98 11.82
C ASN B 326 2.32 -4.98 12.62
N ARG B 327 3.63 -5.06 12.47
CA ARG B 327 4.56 -4.32 13.31
C ARG B 327 4.53 -2.84 12.99
N VAL B 328 4.27 -2.01 14.01
CA VAL B 328 4.26 -0.57 13.85
C VAL B 328 5.69 -0.09 13.64
N SER B 329 6.04 0.22 12.40
CA SER B 329 7.43 0.48 12.05
C SER B 329 7.82 1.93 12.24
N CYS B 330 6.86 2.85 12.11
CA CYS B 330 7.17 4.27 12.10
C CYS B 330 6.03 5.04 12.72
N LEU B 331 6.35 6.25 13.20
CA LEU B 331 5.48 6.99 14.09
C LEU B 331 5.90 8.45 14.09
N GLY B 332 4.94 9.35 13.97
CA GLY B 332 5.25 10.77 13.93
C GLY B 332 4.11 11.66 14.34
N VAL B 333 4.40 12.65 15.17
CA VAL B 333 3.43 13.63 15.62
C VAL B 333 3.67 14.93 14.85
N THR B 334 2.58 15.62 14.51
CA THR B 334 2.65 16.85 13.74
C THR B 334 3.28 17.98 14.56
N ASP B 335 3.65 19.05 13.87
CA ASP B 335 4.29 20.18 14.54
C ASP B 335 3.30 20.95 15.40
N ASP B 336 2.04 21.02 14.98
CA ASP B 336 1.02 21.63 15.82
C ASP B 336 0.40 20.65 16.81
N GLY B 337 0.83 19.39 16.81
CA GLY B 337 0.38 18.40 17.75
C GLY B 337 -1.00 17.84 17.48
N MET B 338 -1.57 18.07 16.29
CA MET B 338 -2.93 17.63 16.05
C MET B 338 -3.02 16.13 15.86
N ALA B 339 -2.15 15.55 15.05
CA ALA B 339 -2.31 14.16 14.65
C ALA B 339 -1.08 13.35 15.03
N VAL B 340 -1.27 12.03 15.04
CA VAL B 340 -0.20 11.06 15.16
C VAL B 340 -0.35 10.07 14.00
N ALA B 341 0.68 9.99 13.16
CA ALA B 341 0.65 9.03 12.07
C ALA B 341 1.34 7.75 12.48
N THR B 342 0.70 6.62 12.17
CA THR B 342 1.25 5.31 12.48
C THR B 342 1.32 4.50 11.20
N GLY B 343 2.53 4.19 10.77
CA GLY B 343 2.72 3.29 9.65
C GLY B 343 3.20 1.93 10.12
N SER B 344 2.89 0.91 9.34
CA SER B 344 3.16 -0.45 9.78
C SER B 344 3.40 -1.34 8.58
N TRP B 345 3.70 -2.61 8.87
CA TRP B 345 4.04 -3.57 7.84
C TRP B 345 2.81 -4.13 7.13
N ASP B 346 1.61 -3.74 7.52
CA ASP B 346 0.41 -4.16 6.82
C ASP B 346 -0.02 -3.19 5.73
N SER B 347 0.93 -2.41 5.20
CA SER B 347 0.77 -1.46 4.09
C SER B 347 -0.20 -0.33 4.38
N PHE B 348 -0.46 -0.03 5.65
CA PHE B 348 -1.40 1.02 6.01
C PHE B 348 -0.73 2.08 6.88
N LEU B 349 -1.22 3.30 6.75
CA LEU B 349 -0.65 4.47 7.39
C LEU B 349 -1.81 5.21 8.06
N LYS B 350 -2.00 4.98 9.35
CA LYS B 350 -3.19 5.43 10.06
C LYS B 350 -2.93 6.74 10.78
N ILE B 351 -3.90 7.65 10.69
CA ILE B 351 -3.83 8.95 11.34
C ILE B 351 -4.70 8.91 12.59
N TRP B 352 -4.11 9.28 13.73
CA TRP B 352 -4.77 9.18 15.02
C TRP B 352 -4.93 10.56 15.64
N ASN B 353 -6.05 10.77 16.33
CA ASN B 353 -6.33 12.04 16.97
C ASN B 353 -7.27 11.82 18.15
N THR C 5 51.54 0.88 16.25
CA THR C 5 50.52 0.03 16.85
C THR C 5 49.13 0.59 16.54
N ALA C 6 48.27 -0.26 15.98
CA ALA C 6 46.90 0.17 15.68
C ALA C 6 46.04 0.17 16.93
N SER C 7 46.47 -0.54 17.97
CA SER C 7 45.71 -0.62 19.21
C SER C 7 45.85 0.67 20.01
N ILE C 8 47.02 1.32 19.92
CA ILE C 8 47.24 2.54 20.72
C ILE C 8 46.52 3.73 20.09
N ALA C 9 46.20 3.64 18.80
CA ALA C 9 45.41 4.71 18.17
C ALA C 9 43.96 4.62 18.60
N GLN C 10 43.44 3.39 18.75
CA GLN C 10 42.09 3.22 19.26
C GLN C 10 42.02 3.55 20.74
N ALA C 11 43.13 3.35 21.46
CA ALA C 11 43.14 3.63 22.90
C ALA C 11 43.23 5.12 23.18
N ARG C 12 44.08 5.84 22.45
CA ARG C 12 44.36 7.23 22.80
C ARG C 12 43.22 8.16 22.41
N LYS C 13 42.56 7.89 21.28
CA LYS C 13 41.42 8.72 20.89
C LYS C 13 40.18 8.40 21.72
N LEU C 14 40.13 7.21 22.33
CA LEU C 14 39.03 6.90 23.24
C LEU C 14 39.25 7.55 24.60
N VAL C 15 40.51 7.62 25.04
CA VAL C 15 40.84 8.31 26.27
C VAL C 15 40.67 9.82 26.11
N GLU C 16 41.07 10.36 24.96
CA GLU C 16 40.90 11.79 24.70
C GLU C 16 39.43 12.16 24.58
N GLN C 17 38.60 11.23 24.12
CA GLN C 17 37.17 11.45 24.08
C GLN C 17 36.56 11.44 25.49
N LEU C 18 37.05 10.54 26.35
CA LEU C 18 36.46 10.37 27.67
C LEU C 18 36.86 11.50 28.60
N LYS C 19 37.91 12.25 28.25
CA LYS C 19 38.26 13.45 29.01
C LYS C 19 37.21 14.53 28.82
N MET C 20 36.79 14.75 27.57
CA MET C 20 35.77 15.76 27.30
C MET C 20 34.38 15.25 27.69
N GLU C 21 34.24 13.93 27.82
CA GLU C 21 33.03 13.38 28.43
C GLU C 21 32.98 13.66 29.92
N ALA C 22 34.16 13.81 30.56
CA ALA C 22 34.19 13.98 32.01
C ALA C 22 34.15 15.45 32.42
N ASN C 23 34.75 16.33 31.64
CA ASN C 23 34.87 17.73 32.03
C ASN C 23 33.67 18.57 31.65
N ILE C 24 32.55 17.97 31.26
CA ILE C 24 31.35 18.75 31.00
C ILE C 24 30.69 19.11 32.32
N ASP C 25 29.94 20.20 32.31
CA ASP C 25 29.24 20.63 33.52
C ASP C 25 27.91 19.91 33.64
N ARG C 26 27.59 19.47 34.85
CA ARG C 26 26.38 18.70 35.12
C ARG C 26 25.58 19.35 36.24
N ILE C 27 24.29 19.53 36.02
CA ILE C 27 23.38 20.06 37.02
C ILE C 27 22.71 18.87 37.70
N LYS C 28 22.06 19.15 38.83
CA LYS C 28 21.35 18.10 39.57
C LYS C 28 20.16 17.60 38.77
N VAL C 29 19.79 16.33 39.00
CA VAL C 29 18.64 15.75 38.32
C VAL C 29 17.35 16.35 38.84
N SER C 30 17.34 16.83 40.09
CA SER C 30 16.16 17.47 40.65
C SER C 30 15.87 18.82 39.99
N LYS C 31 16.90 19.45 39.42
CA LYS C 31 16.69 20.62 38.59
C LYS C 31 16.36 20.20 37.15
N ALA C 32 16.94 19.08 36.71
CA ALA C 32 16.67 18.59 35.37
C ALA C 32 15.28 18.00 35.25
N ALA C 33 14.77 17.43 36.33
CA ALA C 33 13.41 16.88 36.32
C ALA C 33 12.38 18.00 36.46
N ALA C 34 12.73 19.06 37.18
CA ALA C 34 11.77 20.15 37.40
C ALA C 34 11.63 21.01 36.16
N ASP C 35 12.63 21.03 35.30
CA ASP C 35 12.54 21.81 34.07
C ASP C 35 11.68 21.12 33.02
N LEU C 36 11.72 19.78 32.97
CA LEU C 36 10.80 19.07 32.09
C LEU C 36 9.38 19.10 32.64
N MET C 37 9.25 19.20 33.96
CA MET C 37 7.93 19.38 34.56
C MET C 37 7.41 20.78 34.32
N ALA C 38 8.33 21.74 34.14
CA ALA C 38 7.90 23.13 33.91
C ALA C 38 7.52 23.35 32.46
N TYR C 39 8.19 22.68 31.53
CA TYR C 39 7.88 22.83 30.12
C TYR C 39 6.53 22.20 29.79
N CYS C 40 6.22 21.07 30.43
CA CYS C 40 4.97 20.38 30.15
C CYS C 40 3.77 21.12 30.73
N GLU C 41 4.01 21.87 31.82
CA GLU C 41 2.91 22.61 32.44
C GLU C 41 2.59 23.86 31.66
N ALA C 42 3.60 24.48 31.05
CA ALA C 42 3.38 25.73 30.32
C ALA C 42 2.67 25.49 29.00
N HIS C 43 3.08 24.46 28.27
CA HIS C 43 2.52 24.16 26.97
C HIS C 43 1.43 23.10 27.02
N ALA C 44 0.71 22.99 28.14
CA ALA C 44 -0.31 21.96 28.27
C ALA C 44 -1.58 22.34 27.52
N LYS C 45 -1.92 23.63 27.47
CA LYS C 45 -3.12 24.07 26.79
C LYS C 45 -2.97 24.00 25.27
N GLU C 46 -1.73 24.08 24.78
CA GLU C 46 -1.48 24.01 23.34
C GLU C 46 -1.27 22.59 22.84
N ASP C 47 -1.55 21.58 23.66
CA ASP C 47 -1.43 20.18 23.26
C ASP C 47 -2.77 19.62 22.85
N PRO C 48 -2.96 19.27 21.57
CA PRO C 48 -4.24 18.71 21.14
C PRO C 48 -4.39 17.22 21.40
N LEU C 49 -3.37 16.56 21.96
CA LEU C 49 -3.48 15.13 22.26
C LEU C 49 -3.64 14.88 23.75
N LEU C 50 -3.10 15.78 24.58
CA LEU C 50 -3.23 15.66 26.03
C LEU C 50 -4.66 15.86 26.49
N THR C 51 -5.41 16.73 25.83
CA THR C 51 -6.84 16.89 26.03
C THR C 51 -7.50 16.75 24.66
N PRO C 52 -8.69 16.16 24.60
CA PRO C 52 -9.39 16.05 23.31
C PRO C 52 -9.85 17.40 22.81
N VAL C 53 -9.70 17.61 21.51
CA VAL C 53 -10.04 18.89 20.88
C VAL C 53 -11.48 18.83 20.37
N PRO C 54 -12.17 19.97 20.41
CA PRO C 54 -13.48 20.05 19.76
C PRO C 54 -13.42 19.74 18.28
N ALA C 55 -14.54 19.25 17.75
CA ALA C 55 -14.61 18.83 16.35
C ALA C 55 -14.58 20.01 15.38
N SER C 56 -14.84 21.23 15.86
CA SER C 56 -14.74 22.40 15.00
C SER C 56 -13.30 22.86 14.79
N GLU C 57 -12.42 22.63 15.76
CA GLU C 57 -11.01 22.95 15.60
C GLU C 57 -10.21 21.78 15.05
N ASN C 58 -10.83 20.62 14.94
CA ASN C 58 -10.15 19.42 14.45
C ASN C 58 -10.24 19.34 12.94
N PRO C 59 -9.12 19.31 12.22
CA PRO C 59 -9.19 19.05 10.78
C PRO C 59 -9.47 17.59 10.46
N PHE C 60 -9.12 16.70 11.38
CA PHE C 60 -9.40 15.27 11.26
C PHE C 60 -10.66 15.00 12.07
N ARG C 61 -11.80 15.20 11.42
CA ARG C 61 -13.11 15.11 12.06
C ARG C 61 -13.44 13.70 12.54
N VAL D 1 10.18 24.39 -20.61
CA VAL D 1 8.72 24.48 -20.68
C VAL D 1 8.32 25.47 -21.76
N GLN D 2 7.71 24.96 -22.82
CA GLN D 2 7.17 25.84 -23.87
C GLN D 2 5.97 25.17 -24.51
N LEU D 3 5.01 26.01 -24.90
CA LEU D 3 3.84 25.59 -25.64
C LEU D 3 3.70 26.45 -26.88
N VAL D 4 3.87 25.85 -28.05
CA VAL D 4 3.72 26.56 -29.31
C VAL D 4 2.52 25.98 -30.05
N GLU D 5 1.53 26.83 -30.32
CA GLU D 5 0.31 26.39 -30.98
C GLU D 5 0.38 26.63 -32.48
N SER D 6 -0.48 25.92 -33.21
CA SER D 6 -0.54 26.06 -34.65
C SER D 6 -1.93 25.67 -35.12
N GLY D 7 -2.29 26.15 -36.31
CA GLY D 7 -3.57 25.85 -36.91
C GLY D 7 -4.46 27.05 -37.16
N GLY D 8 -3.99 28.27 -36.91
CA GLY D 8 -4.80 29.44 -37.13
C GLY D 8 -4.83 29.86 -38.59
N GLY D 9 -5.63 30.88 -38.90
CA GLY D 9 -5.73 31.36 -40.26
C GLY D 9 -7.09 32.02 -40.48
N LEU D 10 -7.42 32.18 -41.75
CA LEU D 10 -8.66 32.84 -42.18
C LEU D 10 -9.65 31.77 -42.63
N VAL D 11 -10.71 31.60 -41.86
CA VAL D 11 -11.71 30.56 -42.10
C VAL D 11 -13.02 31.22 -42.49
N GLN D 12 -13.68 30.66 -43.49
CA GLN D 12 -15.01 31.17 -43.82
C GLN D 12 -16.00 30.72 -42.75
N PRO D 13 -17.04 31.53 -42.47
CA PRO D 13 -17.99 31.14 -41.41
C PRO D 13 -18.84 29.95 -41.82
N GLY D 14 -19.17 29.14 -40.82
CA GLY D 14 -19.76 27.84 -41.04
C GLY D 14 -18.76 26.73 -41.30
N GLY D 15 -17.47 27.05 -41.39
CA GLY D 15 -16.46 26.05 -41.65
C GLY D 15 -15.99 25.37 -40.39
N SER D 16 -14.86 24.68 -40.52
CA SER D 16 -14.29 23.92 -39.43
C SER D 16 -12.77 24.06 -39.45
N ARG D 17 -12.16 23.85 -38.29
CA ARG D 17 -10.71 23.96 -38.13
C ARG D 17 -10.30 23.15 -36.90
N LYS D 18 -9.04 22.74 -36.89
CA LYS D 18 -8.48 21.97 -35.78
C LYS D 18 -7.22 22.67 -35.31
N LEU D 19 -7.31 23.32 -34.15
CA LEU D 19 -6.13 23.93 -33.55
C LEU D 19 -5.32 22.89 -32.80
N SER D 20 -4.00 22.95 -32.95
CA SER D 20 -3.10 22.02 -32.29
C SER D 20 -2.14 22.79 -31.39
N CYS D 21 -1.86 22.21 -30.23
CA CYS D 21 -0.95 22.80 -29.25
C CYS D 21 0.11 21.78 -28.89
N SER D 22 1.33 21.96 -29.38
CA SER D 22 2.42 21.03 -29.18
C SER D 22 3.20 21.42 -27.94
N ALA D 23 3.27 20.50 -26.98
CA ALA D 23 3.93 20.75 -25.70
C ALA D 23 5.34 20.20 -25.72
N SER D 24 6.23 20.90 -25.01
CA SER D 24 7.63 20.51 -24.95
C SER D 24 8.24 20.99 -23.65
N GLY D 25 9.10 20.16 -23.07
CA GLY D 25 9.88 20.56 -21.92
C GLY D 25 9.25 20.34 -20.57
N PHE D 26 8.10 19.64 -20.50
CA PHE D 26 7.51 19.32 -19.20
C PHE D 26 6.66 18.07 -19.35
N ALA D 27 6.22 17.56 -18.20
CA ALA D 27 5.39 16.37 -18.15
C ALA D 27 3.97 16.68 -18.59
N PHE D 28 3.66 16.42 -19.87
CA PHE D 28 2.37 16.79 -20.43
C PHE D 28 1.25 15.90 -19.90
N SER D 29 1.56 14.66 -19.56
CA SER D 29 0.52 13.73 -19.14
C SER D 29 0.00 14.04 -17.75
N SER D 30 0.81 14.69 -16.91
CA SER D 30 0.40 15.02 -15.56
C SER D 30 -0.37 16.34 -15.49
N PHE D 31 -0.34 17.14 -16.54
CA PHE D 31 -0.94 18.46 -16.52
C PHE D 31 -2.31 18.43 -17.21
N GLY D 32 -3.32 18.98 -16.52
CA GLY D 32 -4.55 19.31 -17.20
C GLY D 32 -4.38 20.57 -18.03
N MET D 33 -5.04 20.59 -19.17
CA MET D 33 -4.84 21.66 -20.15
C MET D 33 -6.14 22.39 -20.42
N HIS D 34 -6.02 23.69 -20.67
CA HIS D 34 -7.15 24.55 -20.98
C HIS D 34 -6.94 25.21 -22.34
N TRP D 35 -8.03 25.74 -22.88
CA TRP D 35 -7.99 26.68 -23.99
C TRP D 35 -8.68 27.96 -23.56
N VAL D 36 -7.95 29.07 -23.63
CA VAL D 36 -8.49 30.39 -23.31
C VAL D 36 -8.35 31.27 -24.54
N ARG D 37 -9.47 31.82 -25.00
CA ARG D 37 -9.47 32.70 -26.16
C ARG D 37 -9.38 34.16 -25.71
N GLN D 38 -9.02 35.01 -26.66
CA GLN D 38 -8.98 36.46 -26.43
C GLN D 38 -9.44 37.15 -27.70
N ALA D 39 -10.65 37.70 -27.67
CA ALA D 39 -11.19 38.44 -28.81
C ALA D 39 -10.38 39.72 -29.03
N PRO D 40 -10.35 40.25 -30.26
CA PRO D 40 -9.56 41.46 -30.53
C PRO D 40 -10.08 42.67 -29.77
N GLU D 41 -9.17 43.28 -28.99
CA GLU D 41 -9.43 44.41 -28.09
C GLU D 41 -10.51 44.10 -27.07
N LYS D 42 -10.58 42.85 -26.62
CA LYS D 42 -11.50 42.41 -25.58
C LYS D 42 -10.74 41.56 -24.57
N GLY D 43 -11.44 41.17 -23.51
CA GLY D 43 -10.80 40.41 -22.46
C GLY D 43 -10.79 38.92 -22.74
N LEU D 44 -10.16 38.18 -21.83
CA LEU D 44 -10.07 36.74 -21.96
C LEU D 44 -11.39 36.08 -21.57
N GLU D 45 -11.63 34.89 -22.12
CA GLU D 45 -12.71 34.04 -21.66
C GLU D 45 -12.37 32.60 -21.95
N TRP D 46 -12.81 31.70 -21.06
CA TRP D 46 -12.43 30.30 -21.11
C TRP D 46 -13.26 29.54 -22.15
N VAL D 47 -12.64 28.58 -22.82
CA VAL D 47 -13.28 27.80 -23.86
C VAL D 47 -13.52 26.36 -23.42
N ALA D 48 -12.46 25.62 -23.12
CA ALA D 48 -12.60 24.22 -22.79
C ALA D 48 -11.49 23.79 -21.84
N TYR D 49 -11.65 22.60 -21.28
CA TYR D 49 -10.68 22.03 -20.35
C TYR D 49 -10.71 20.51 -20.47
N ILE D 50 -9.53 19.90 -20.51
CA ILE D 50 -9.39 18.46 -20.48
C ILE D 50 -8.40 18.11 -19.37
N SER D 51 -8.71 17.08 -18.60
CA SER D 51 -7.91 16.76 -17.42
C SER D 51 -6.78 15.80 -17.78
N SER D 52 -6.06 15.37 -16.76
CA SER D 52 -5.03 14.36 -16.95
C SER D 52 -5.66 13.00 -17.17
N GLY D 53 -5.34 12.38 -18.30
CA GLY D 53 -5.93 11.11 -18.63
C GLY D 53 -7.31 11.18 -19.25
N SER D 54 -7.75 12.38 -19.63
CA SER D 54 -9.00 12.65 -20.33
C SER D 54 -10.25 12.19 -19.57
N GLY D 55 -10.21 12.23 -18.24
CA GLY D 55 -11.33 11.73 -17.45
C GLY D 55 -12.41 12.76 -17.20
N THR D 56 -12.05 14.04 -17.18
CA THR D 56 -13.00 15.12 -16.95
C THR D 56 -12.81 16.15 -18.04
N ILE D 57 -13.86 16.41 -18.81
CA ILE D 57 -13.83 17.34 -19.93
C ILE D 57 -14.97 18.33 -19.76
N TYR D 58 -14.64 19.61 -19.71
CA TYR D 58 -15.61 20.68 -19.53
C TYR D 58 -15.52 21.65 -20.69
N TYR D 59 -16.65 22.28 -21.00
CA TYR D 59 -16.74 23.25 -22.08
C TYR D 59 -17.45 24.50 -21.58
N ALA D 60 -17.22 25.61 -22.30
CA ALA D 60 -18.01 26.81 -22.07
C ALA D 60 -19.39 26.65 -22.71
N ASP D 61 -20.34 27.43 -22.22
CA ASP D 61 -21.70 27.35 -22.75
C ASP D 61 -21.79 27.94 -24.16
N THR D 62 -20.87 28.84 -24.51
CA THR D 62 -20.83 29.40 -25.85
C THR D 62 -20.35 28.39 -26.87
N VAL D 63 -19.46 27.48 -26.48
CA VAL D 63 -18.80 26.59 -27.42
C VAL D 63 -19.24 25.14 -27.23
N LYS D 64 -20.25 24.92 -26.40
CA LYS D 64 -20.69 23.56 -26.11
C LYS D 64 -21.43 22.97 -27.30
N GLY D 65 -21.03 21.76 -27.68
CA GLY D 65 -21.60 21.12 -28.84
C GLY D 65 -20.81 21.37 -30.11
N ARG D 66 -20.41 22.62 -30.31
CA ARG D 66 -19.66 22.98 -31.51
C ARG D 66 -18.20 22.57 -31.41
N PHE D 67 -17.57 22.85 -30.27
CA PHE D 67 -16.14 22.66 -30.11
C PHE D 67 -15.86 21.35 -29.39
N THR D 68 -14.73 20.73 -29.71
CA THR D 68 -14.35 19.45 -29.14
C THR D 68 -12.88 19.48 -28.79
N ILE D 69 -12.56 19.19 -27.53
CA ILE D 69 -11.18 19.16 -27.05
C ILE D 69 -10.72 17.71 -26.98
N SER D 70 -9.41 17.50 -27.15
CA SER D 70 -8.80 16.18 -27.09
C SER D 70 -7.31 16.34 -26.85
N ARG D 71 -6.68 15.25 -26.41
CA ARG D 71 -5.24 15.26 -26.15
C ARG D 71 -4.65 13.93 -26.56
N ASP D 72 -3.36 13.97 -26.90
CA ASP D 72 -2.59 12.78 -27.25
C ASP D 72 -1.33 12.81 -26.39
N ASP D 73 -1.32 12.02 -25.32
CA ASP D 73 -0.19 12.03 -24.39
C ASP D 73 1.10 11.41 -24.93
N PRO D 74 1.13 10.34 -25.74
CA PRO D 74 2.41 9.93 -26.33
C PRO D 74 3.00 10.92 -27.34
N LYS D 75 2.18 11.81 -27.92
CA LYS D 75 2.69 12.76 -28.91
C LYS D 75 2.92 14.15 -28.35
N ASN D 76 2.49 14.41 -27.11
CA ASN D 76 2.59 15.71 -26.43
C ASN D 76 1.93 16.83 -27.22
N THR D 77 0.77 16.53 -27.79
CA THR D 77 0.00 17.50 -28.55
C THR D 77 -1.39 17.61 -27.96
N LEU D 78 -1.96 18.81 -28.04
CA LEU D 78 -3.29 19.11 -27.54
C LEU D 78 -4.14 19.71 -28.65
N PHE D 79 -5.33 19.18 -28.85
CA PHE D 79 -6.17 19.54 -29.97
C PHE D 79 -7.45 20.22 -29.50
N LEU D 80 -7.99 21.07 -30.38
CA LEU D 80 -9.29 21.71 -30.17
C LEU D 80 -10.02 21.70 -31.51
N GLN D 81 -10.85 20.69 -31.73
CA GLN D 81 -11.61 20.61 -32.97
C GLN D 81 -12.76 21.60 -32.95
N MET D 82 -12.76 22.52 -33.91
CA MET D 82 -13.77 23.56 -34.01
C MET D 82 -14.69 23.25 -35.17
N THR D 83 -16.00 23.34 -34.92
CA THR D 83 -17.00 23.02 -35.92
C THR D 83 -18.07 24.10 -35.90
N SER D 84 -18.50 24.51 -37.11
CA SER D 84 -19.51 25.55 -37.32
C SER D 84 -19.09 26.87 -36.69
N LEU D 85 -18.01 27.43 -37.21
CA LEU D 85 -17.42 28.64 -36.65
C LEU D 85 -18.32 29.85 -36.94
N ARG D 86 -18.66 30.57 -35.89
CA ARG D 86 -19.50 31.76 -36.00
C ARG D 86 -18.62 33.00 -36.13
N SER D 87 -19.28 34.15 -36.22
CA SER D 87 -18.54 35.41 -36.36
C SER D 87 -17.92 35.86 -35.05
N GLU D 88 -18.42 35.34 -33.92
CA GLU D 88 -17.88 35.69 -32.62
C GLU D 88 -16.72 34.80 -32.19
N ASP D 89 -16.27 33.91 -33.07
CA ASP D 89 -15.17 33.01 -32.73
C ASP D 89 -13.80 33.55 -33.13
N THR D 90 -13.73 34.75 -33.69
CA THR D 90 -12.43 35.35 -33.98
C THR D 90 -11.75 35.78 -32.68
N ALA D 91 -10.60 35.16 -32.41
CA ALA D 91 -9.90 35.34 -31.15
C ALA D 91 -8.50 34.78 -31.26
N MET D 92 -7.65 35.15 -30.31
CA MET D 92 -6.37 34.49 -30.14
C MET D 92 -6.48 33.40 -29.10
N TYR D 93 -6.24 32.16 -29.53
CA TYR D 93 -6.50 30.99 -28.71
C TYR D 93 -5.21 30.57 -28.00
N TYR D 94 -5.24 30.58 -26.67
CA TYR D 94 -4.08 30.30 -25.85
C TYR D 94 -4.16 28.88 -25.30
N CYS D 95 -3.00 28.26 -25.11
CA CYS D 95 -2.89 26.92 -24.56
C CYS D 95 -2.28 27.00 -23.17
N VAL D 96 -3.06 26.66 -22.15
CA VAL D 96 -2.68 26.87 -20.75
C VAL D 96 -2.55 25.52 -20.07
N ARG D 97 -1.46 25.33 -19.35
CA ARG D 97 -1.29 24.12 -18.54
C ARG D 97 -1.68 24.39 -17.09
N SER D 98 -2.15 23.35 -16.42
CA SER D 98 -2.60 23.48 -15.03
C SER D 98 -2.56 22.13 -14.36
N ILE D 99 -1.79 22.03 -13.27
CA ILE D 99 -1.73 20.82 -12.47
C ILE D 99 -2.49 21.09 -11.19
N TYR D 100 -3.10 20.05 -10.62
CA TYR D 100 -4.01 20.19 -9.50
C TYR D 100 -3.65 19.22 -8.39
N TYR D 101 -2.93 19.71 -7.39
CA TYR D 101 -2.76 18.99 -6.13
C TYR D 101 -2.72 20.03 -5.02
N TYR D 102 -2.34 19.59 -3.83
CA TYR D 102 -2.27 20.50 -2.71
C TYR D 102 -1.04 21.40 -2.83
N GLY D 103 -1.27 22.71 -2.83
CA GLY D 103 -0.21 23.68 -2.97
C GLY D 103 0.27 23.87 -4.38
N SER D 104 -0.43 23.33 -5.38
CA SER D 104 -0.02 23.50 -6.76
C SER D 104 -0.31 24.92 -7.23
N SER D 105 0.30 25.27 -8.35
CA SER D 105 0.13 26.58 -8.98
C SER D 105 -0.43 26.37 -10.37
N PRO D 106 -1.76 26.22 -10.50
CA PRO D 106 -2.34 26.03 -11.83
C PRO D 106 -2.38 27.33 -12.60
N PHE D 107 -2.64 27.21 -13.90
CA PHE D 107 -2.57 28.29 -14.90
C PHE D 107 -1.22 28.98 -14.90
N ASP D 108 -0.14 28.23 -14.72
CA ASP D 108 1.18 28.82 -14.54
C ASP D 108 1.85 29.17 -15.85
N PHE D 109 1.67 28.37 -16.91
CA PHE D 109 2.30 28.64 -18.18
C PHE D 109 1.26 28.73 -19.28
N TRP D 110 1.34 29.80 -20.07
CA TRP D 110 0.44 30.05 -21.18
C TRP D 110 1.23 29.92 -22.48
N GLY D 111 0.57 29.41 -23.52
CA GLY D 111 1.20 29.39 -24.82
C GLY D 111 1.16 30.76 -25.49
N GLN D 112 1.86 30.86 -26.61
CA GLN D 112 1.97 32.13 -27.31
C GLN D 112 0.72 32.49 -28.10
N GLY D 113 -0.04 31.52 -28.57
CA GLY D 113 -1.34 31.78 -29.16
C GLY D 113 -1.32 31.80 -30.68
N THR D 114 -2.46 31.49 -31.27
CA THR D 114 -2.69 31.58 -32.70
C THR D 114 -3.90 32.47 -32.97
N THR D 115 -3.79 33.32 -33.99
CA THR D 115 -4.88 34.19 -34.38
C THR D 115 -5.80 33.47 -35.36
N LEU D 116 -7.07 33.36 -35.00
CA LEU D 116 -8.10 32.79 -35.85
C LEU D 116 -9.02 33.91 -36.32
N THR D 117 -9.21 34.02 -37.63
CA THR D 117 -10.11 35.01 -38.20
C THR D 117 -11.23 34.29 -38.94
N VAL D 118 -12.47 34.64 -38.59
CA VAL D 118 -13.63 33.96 -39.13
C VAL D 118 -14.29 34.77 -40.23
N SER D 119 -13.66 35.89 -40.59
CA SER D 119 -13.97 36.70 -41.79
C SER D 119 -15.39 37.24 -41.80
N SER D 120 -15.90 37.68 -40.66
CA SER D 120 -17.22 38.30 -40.60
C SER D 120 -17.28 39.36 -39.50
N SER D 136 -26.16 30.99 -11.83
CA SER D 136 -25.71 30.97 -13.22
C SER D 136 -24.19 30.89 -13.28
N ASP D 137 -23.55 32.03 -13.58
CA ASP D 137 -22.11 32.09 -13.69
C ASP D 137 -21.56 33.22 -12.83
N ILE D 138 -20.37 33.02 -12.25
CA ILE D 138 -19.80 34.04 -11.39
C ILE D 138 -19.22 35.16 -12.25
N VAL D 139 -19.88 36.31 -12.23
CA VAL D 139 -19.43 37.46 -12.98
C VAL D 139 -18.35 38.18 -12.18
N MET D 140 -17.20 38.39 -12.80
CA MET D 140 -16.08 39.08 -12.17
C MET D 140 -16.02 40.49 -12.74
N THR D 141 -16.38 41.48 -11.92
CA THR D 141 -16.46 42.87 -12.35
C THR D 141 -15.21 43.64 -11.91
N GLN D 142 -14.17 43.52 -12.73
CA GLN D 142 -12.97 44.35 -12.61
C GLN D 142 -13.36 45.75 -13.07
N ALA D 143 -13.55 46.64 -12.09
CA ALA D 143 -14.33 47.86 -12.34
C ALA D 143 -13.54 48.88 -13.16
N THR D 144 -12.38 49.29 -12.67
CA THR D 144 -11.62 50.34 -13.35
C THR D 144 -10.91 49.73 -14.56
N SER D 145 -11.18 50.30 -15.74
CA SER D 145 -10.61 49.74 -16.96
C SER D 145 -9.21 50.28 -17.24
N SER D 146 -8.93 51.50 -16.80
CA SER D 146 -7.65 52.12 -17.08
C SER D 146 -7.22 52.96 -15.88
N VAL D 147 -5.94 52.85 -15.54
CA VAL D 147 -5.36 53.59 -14.42
C VAL D 147 -4.14 54.35 -14.89
N PRO D 148 -4.11 55.67 -14.80
CA PRO D 148 -2.87 56.40 -15.09
C PRO D 148 -1.91 56.34 -13.91
N VAL D 149 -0.69 55.89 -14.19
CA VAL D 149 0.34 55.71 -13.18
C VAL D 149 1.69 56.06 -13.81
N THR D 150 2.66 56.36 -12.96
CA THR D 150 4.05 56.59 -13.36
C THR D 150 4.92 55.67 -12.50
N PRO D 151 6.08 55.25 -12.99
CA PRO D 151 6.90 54.30 -12.24
C PRO D 151 7.42 54.87 -10.92
N GLY D 152 7.46 54.00 -9.91
CA GLY D 152 7.98 54.37 -8.61
C GLY D 152 7.01 54.23 -7.45
N GLU D 153 5.74 54.55 -7.66
CA GLU D 153 4.78 54.46 -6.56
C GLU D 153 3.91 53.21 -6.68
N SER D 154 3.10 53.00 -5.65
CA SER D 154 2.24 51.83 -5.58
C SER D 154 0.98 52.02 -6.43
N VAL D 155 0.40 50.89 -6.84
CA VAL D 155 -0.88 50.87 -7.52
C VAL D 155 -1.68 49.69 -6.95
N SER D 156 -3.00 49.78 -7.04
CA SER D 156 -3.88 48.77 -6.49
C SER D 156 -5.00 48.49 -7.47
N ILE D 157 -5.07 47.25 -7.96
CA ILE D 157 -6.07 46.84 -8.93
C ILE D 157 -7.15 46.05 -8.20
N SER D 158 -8.37 46.56 -8.27
CA SER D 158 -9.50 45.97 -7.54
C SER D 158 -10.28 45.01 -8.42
N CYS D 159 -10.85 43.99 -7.78
CA CYS D 159 -11.68 43.01 -8.46
C CYS D 159 -12.81 42.61 -7.52
N ARG D 160 -14.00 42.43 -8.10
CA ARG D 160 -15.19 42.11 -7.33
C ARG D 160 -15.90 40.95 -8.02
N SER D 161 -16.53 40.09 -7.22
CA SER D 161 -17.17 38.89 -7.73
C SER D 161 -18.64 38.88 -7.35
N SER D 162 -19.43 38.18 -8.17
CA SER D 162 -20.85 38.05 -7.90
C SER D 162 -21.14 37.02 -6.82
N LYS D 163 -20.22 36.09 -6.59
CA LYS D 163 -20.40 35.04 -5.60
C LYS D 163 -19.17 35.01 -4.70
N SER D 164 -19.34 34.49 -3.49
CA SER D 164 -18.21 34.38 -2.57
C SER D 164 -17.30 33.23 -2.99
N LEU D 165 -16.04 33.55 -3.28
CA LEU D 165 -15.09 32.54 -3.74
C LEU D 165 -14.40 31.81 -2.60
N LEU D 166 -14.60 32.24 -1.36
CA LEU D 166 -14.05 31.53 -0.21
C LEU D 166 -14.82 30.23 -0.02
N HIS D 167 -14.17 29.11 -0.30
CA HIS D 167 -14.78 27.80 -0.14
C HIS D 167 -14.72 27.37 1.32
N SER D 168 -15.37 26.24 1.61
CA SER D 168 -15.45 25.76 2.99
C SER D 168 -14.13 25.16 3.47
N ASN D 169 -13.22 24.83 2.56
CA ASN D 169 -11.93 24.30 2.96
C ASN D 169 -10.92 25.38 3.34
N GLY D 170 -11.31 26.65 3.29
CA GLY D 170 -10.42 27.73 3.65
C GLY D 170 -9.75 28.41 2.49
N ASN D 171 -9.95 27.93 1.27
CA ASN D 171 -9.29 28.47 0.09
C ASN D 171 -10.17 29.51 -0.58
N THR D 172 -9.53 30.57 -1.06
CA THR D 172 -10.18 31.62 -1.83
C THR D 172 -9.62 31.59 -3.24
N TYR D 173 -10.43 31.15 -4.20
CA TYR D 173 -9.94 30.83 -5.54
C TYR D 173 -9.93 32.05 -6.45
N LEU D 174 -9.00 32.97 -6.22
CA LEU D 174 -8.81 34.11 -7.11
C LEU D 174 -7.43 34.02 -7.75
N TYR D 175 -7.40 34.21 -9.07
CA TYR D 175 -6.17 34.09 -9.83
C TYR D 175 -5.94 35.38 -10.60
N TRP D 176 -4.74 35.93 -10.47
CA TRP D 176 -4.36 37.16 -11.14
C TRP D 176 -3.45 36.85 -12.32
N PHE D 177 -3.61 37.62 -13.39
CA PHE D 177 -2.82 37.47 -14.60
C PHE D 177 -2.38 38.83 -15.10
N LEU D 178 -1.21 38.87 -15.72
CA LEU D 178 -0.69 40.08 -16.34
C LEU D 178 -0.33 39.79 -17.78
N GLN D 179 -0.90 40.57 -18.69
CA GLN D 179 -0.62 40.44 -20.11
C GLN D 179 0.12 41.69 -20.57
N ARG D 180 1.41 41.54 -20.84
CA ARG D 180 2.20 42.61 -21.40
C ARG D 180 1.80 42.84 -22.85
N PRO D 181 2.02 44.05 -23.39
CA PRO D 181 1.63 44.31 -24.79
C PRO D 181 2.42 43.46 -25.78
N GLY D 182 1.71 42.63 -26.52
CA GLY D 182 2.33 41.74 -27.48
C GLY D 182 2.83 40.44 -26.90
N GLN D 183 2.41 40.08 -25.70
CA GLN D 183 2.90 38.89 -25.03
C GLN D 183 1.75 38.07 -24.49
N SER D 184 2.06 36.84 -24.08
CA SER D 184 1.09 35.96 -23.48
C SER D 184 0.87 36.34 -22.02
N PRO D 185 -0.31 36.02 -21.47
CA PRO D 185 -0.52 36.29 -20.03
C PRO D 185 0.32 35.37 -19.17
N GLN D 186 0.72 35.89 -18.01
CA GLN D 186 1.47 35.11 -17.04
C GLN D 186 0.81 35.20 -15.68
N LEU D 187 0.98 34.15 -14.90
CA LEU D 187 0.36 34.09 -13.58
C LEU D 187 1.14 34.94 -12.59
N LEU D 188 0.41 35.70 -11.78
CA LEU D 188 1.04 36.56 -10.79
C LEU D 188 0.74 36.05 -9.38
N ILE D 189 -0.54 35.86 -9.07
CA ILE D 189 -0.97 35.41 -7.75
C ILE D 189 -2.03 34.34 -7.94
N TYR D 190 -1.81 33.17 -7.34
CA TYR D 190 -2.77 32.09 -7.38
C TYR D 190 -3.37 31.88 -5.99
N ARG D 191 -4.69 31.72 -5.97
CA ARG D 191 -5.50 31.54 -4.76
C ARG D 191 -5.32 32.69 -3.77
N MET D 192 -5.31 33.91 -4.33
CA MET D 192 -5.53 35.21 -3.68
C MET D 192 -4.40 35.69 -2.78
N SER D 193 -3.46 34.81 -2.42
CA SER D 193 -2.40 35.25 -1.52
C SER D 193 -1.05 34.60 -1.80
N ASN D 194 -0.94 33.77 -2.83
CA ASN D 194 0.29 33.04 -3.10
C ASN D 194 0.87 33.51 -4.43
N LEU D 195 2.03 34.15 -4.38
CA LEU D 195 2.67 34.63 -5.60
C LEU D 195 3.34 33.46 -6.31
N ALA D 196 3.30 33.49 -7.64
CA ALA D 196 3.79 32.38 -8.44
C ALA D 196 5.32 32.35 -8.44
N SER D 197 5.86 31.26 -8.98
CA SER D 197 7.31 31.14 -9.08
C SER D 197 7.82 32.01 -10.22
N GLY D 198 8.68 32.96 -9.87
CA GLY D 198 9.28 33.83 -10.86
C GLY D 198 8.85 35.28 -10.79
N VAL D 199 7.81 35.61 -10.03
CA VAL D 199 7.36 37.00 -9.92
C VAL D 199 8.00 37.62 -8.69
N PRO D 200 8.28 38.92 -8.70
CA PRO D 200 8.91 39.54 -7.54
C PRO D 200 7.94 39.74 -6.39
N GLU D 201 8.48 40.26 -5.28
CA GLU D 201 7.76 40.38 -4.02
C GLU D 201 6.96 41.69 -4.00
N ARG D 202 7.03 42.45 -5.10
CA ARG D 202 6.27 43.69 -5.20
C ARG D 202 4.77 43.43 -5.26
N PHE D 203 4.37 42.35 -5.92
CA PHE D 203 2.96 42.02 -6.02
C PHE D 203 2.46 41.38 -4.74
N SER D 204 1.30 41.82 -4.28
CA SER D 204 0.69 41.29 -3.07
C SER D 204 -0.82 41.27 -3.26
N GLY D 205 -1.47 40.26 -2.69
CA GLY D 205 -2.90 40.09 -2.87
C GLY D 205 -3.61 39.91 -1.55
N SER D 206 -4.80 40.50 -1.46
CA SER D 206 -5.65 40.38 -0.28
C SER D 206 -7.10 40.43 -0.73
N GLY D 207 -7.97 39.86 0.09
CA GLY D 207 -9.38 39.84 -0.25
C GLY D 207 -10.19 39.24 0.88
N SER D 208 -11.51 39.33 0.73
CA SER D 208 -12.43 38.89 1.77
C SER D 208 -13.38 37.80 1.30
N GLY D 209 -13.48 37.56 -0.01
CA GLY D 209 -14.38 36.58 -0.57
C GLY D 209 -15.23 37.11 -1.71
N THR D 210 -15.68 38.36 -1.62
CA THR D 210 -16.38 39.00 -2.73
C THR D 210 -15.64 40.20 -3.30
N ALA D 211 -14.71 40.79 -2.57
CA ALA D 211 -13.96 41.95 -3.03
C ALA D 211 -12.47 41.74 -2.74
N PHE D 212 -11.66 41.90 -3.77
CA PHE D 212 -10.23 41.62 -3.67
C PHE D 212 -9.44 42.79 -4.24
N THR D 213 -8.13 42.75 -4.01
CA THR D 213 -7.23 43.77 -4.54
C THR D 213 -5.85 43.17 -4.80
N LEU D 214 -5.19 43.69 -5.82
CA LEU D 214 -3.80 43.34 -6.14
C LEU D 214 -2.96 44.59 -6.02
N THR D 215 -2.04 44.59 -5.05
CA THR D 215 -1.20 45.75 -4.77
C THR D 215 0.21 45.49 -5.27
N ILE D 216 0.76 46.45 -6.00
CA ILE D 216 2.15 46.43 -6.44
C ILE D 216 2.89 47.45 -5.57
N SER D 217 4.06 47.06 -5.05
CA SER D 217 4.77 47.93 -4.13
C SER D 217 5.45 49.09 -4.85
N ARG D 218 6.36 48.78 -5.77
CA ARG D 218 7.06 49.82 -6.54
C ARG D 218 6.95 49.43 -8.02
N LEU D 219 6.33 50.31 -8.80
CA LEU D 219 5.97 49.96 -10.16
C LEU D 219 7.14 50.22 -11.11
N GLU D 220 7.36 49.28 -12.02
CA GLU D 220 8.42 49.36 -13.00
C GLU D 220 7.82 49.41 -14.41
N ALA D 221 8.69 49.62 -15.39
CA ALA D 221 8.25 49.62 -16.78
C ALA D 221 7.98 48.20 -17.28
N GLU D 222 8.50 47.21 -16.57
CA GLU D 222 8.18 45.81 -16.83
C GLU D 222 6.76 45.46 -16.42
N ASP D 223 6.21 46.14 -15.42
CA ASP D 223 4.92 45.77 -14.83
C ASP D 223 3.72 46.34 -15.58
N VAL D 224 3.92 47.04 -16.70
CA VAL D 224 2.77 47.61 -17.39
C VAL D 224 2.07 46.54 -18.22
N GLY D 225 0.81 46.79 -18.54
CA GLY D 225 0.01 45.85 -19.29
C GLY D 225 -1.44 45.84 -18.84
N VAL D 226 -2.15 44.76 -19.14
CA VAL D 226 -3.54 44.60 -18.75
C VAL D 226 -3.61 43.49 -17.70
N TYR D 227 -4.22 43.79 -16.56
CA TYR D 227 -4.29 42.85 -15.45
C TYR D 227 -5.66 42.20 -15.42
N TYR D 228 -5.67 40.87 -15.44
CA TYR D 228 -6.89 40.09 -15.61
C TYR D 228 -7.23 39.34 -14.33
N CYS D 229 -8.47 39.46 -13.90
CA CYS D 229 -8.96 38.76 -12.73
C CYS D 229 -9.60 37.44 -13.17
N MET D 230 -9.51 36.42 -12.30
CA MET D 230 -10.06 35.12 -12.66
C MET D 230 -10.47 34.35 -11.42
N GLN D 231 -11.54 33.58 -11.56
CA GLN D 231 -12.03 32.71 -10.50
C GLN D 231 -11.87 31.25 -10.91
N HIS D 232 -11.73 30.38 -9.91
CA HIS D 232 -11.65 28.94 -10.13
C HIS D 232 -12.53 28.18 -9.14
N LEU D 233 -13.63 28.79 -8.70
CA LEU D 233 -14.50 28.12 -7.74
C LEU D 233 -15.36 27.06 -8.41
N GLU D 234 -15.88 27.37 -9.60
CA GLU D 234 -16.73 26.43 -10.31
C GLU D 234 -16.65 26.73 -11.80
N TYR D 235 -16.98 25.71 -12.60
CA TYR D 235 -16.94 25.87 -14.04
C TYR D 235 -18.28 26.40 -14.54
N PRO D 236 -18.27 27.31 -15.52
CA PRO D 236 -17.15 27.89 -16.29
C PRO D 236 -16.33 28.94 -15.55
N LEU D 237 -15.02 28.85 -15.72
CA LEU D 237 -14.13 29.84 -15.14
C LEU D 237 -14.24 31.15 -15.91
N THR D 238 -14.62 32.22 -15.21
CA THR D 238 -14.92 33.49 -15.86
C THR D 238 -13.83 34.48 -15.52
N PHE D 239 -13.53 35.35 -16.48
CA PHE D 239 -12.46 36.34 -16.35
C PHE D 239 -13.05 37.73 -16.11
N GLY D 240 -12.16 38.66 -15.80
CA GLY D 240 -12.53 40.05 -15.75
C GLY D 240 -12.35 40.73 -17.10
N ALA D 241 -12.86 41.96 -17.18
CA ALA D 241 -12.75 42.72 -18.42
C ALA D 241 -11.35 43.26 -18.65
N GLY D 242 -10.57 43.43 -17.58
CA GLY D 242 -9.21 43.90 -17.73
C GLY D 242 -8.96 45.31 -17.21
N THR D 243 -7.87 45.49 -16.48
CA THR D 243 -7.44 46.79 -15.98
C THR D 243 -6.10 47.13 -16.61
N LYS D 244 -6.08 48.15 -17.45
CA LYS D 244 -4.88 48.54 -18.17
C LYS D 244 -4.08 49.54 -17.36
N LEU D 245 -2.77 49.32 -17.32
CA LEU D 245 -1.84 50.26 -16.70
C LEU D 245 -1.03 50.97 -17.78
N GLU D 246 -1.11 52.29 -17.77
CA GLU D 246 -0.39 53.11 -18.73
C GLU D 246 0.63 53.97 -17.98
N LEU D 247 1.66 54.38 -18.70
CA LEU D 247 2.72 55.19 -18.11
C LEU D 247 3.08 56.37 -19.01
N GLN E 1 -53.04 -29.47 -15.45
CA GLN E 1 -51.82 -28.74 -15.87
C GLN E 1 -51.10 -28.19 -14.64
N LYS E 2 -50.74 -29.07 -13.69
CA LYS E 2 -50.13 -28.58 -12.42
C LYS E 2 -48.68 -29.05 -12.30
N PHE E 3 -47.72 -28.14 -12.44
CA PHE E 3 -46.29 -28.49 -12.26
C PHE E 3 -45.76 -27.65 -11.09
N THR E 4 -45.59 -28.24 -9.92
CA THR E 4 -44.98 -27.46 -8.82
C THR E 4 -43.57 -27.06 -9.30
N SER E 5 -43.30 -25.76 -9.45
CA SER E 5 -42.00 -25.30 -10.01
C SER E 5 -40.82 -25.84 -9.18
N TRP E 6 -39.86 -26.50 -9.82
CA TRP E 6 -38.67 -27.06 -9.12
C TRP E 6 -37.54 -26.03 -9.19
N PHE E 7 -36.83 -25.79 -8.09
CA PHE E 7 -35.81 -24.70 -8.04
C PHE E 7 -34.54 -25.12 -8.77
N SER F 67 -49.41 -44.00 6.01
CA SER F 67 -48.85 -42.63 6.11
C SER F 67 -47.97 -42.53 7.35
N ALA F 68 -47.58 -43.66 7.95
CA ALA F 68 -46.81 -43.64 9.21
C ALA F 68 -45.43 -42.99 9.05
N GLY F 69 -44.71 -43.31 7.98
CA GLY F 69 -43.34 -42.77 7.81
C GLY F 69 -43.29 -41.51 6.99
N TYR F 70 -44.39 -41.16 6.32
CA TYR F 70 -44.40 -39.99 5.40
C TYR F 70 -44.35 -38.69 6.22
N THR F 71 -44.74 -38.73 7.49
CA THR F 71 -44.61 -37.52 8.33
C THR F 71 -43.14 -37.14 8.42
N VAL F 72 -42.23 -38.11 8.56
CA VAL F 72 -40.77 -37.78 8.54
C VAL F 72 -40.39 -37.20 7.18
N LEU F 73 -40.85 -37.81 6.09
CA LEU F 73 -40.43 -37.34 4.74
C LEU F 73 -41.04 -35.97 4.52
N ARG F 74 -41.99 -35.55 5.34
CA ARG F 74 -42.50 -34.21 5.05
C ARG F 74 -41.70 -33.15 5.79
N ILE F 75 -41.38 -33.42 7.06
CA ILE F 75 -40.72 -32.41 7.90
C ILE F 75 -39.20 -32.49 7.87
N LEU F 76 -38.64 -33.56 7.30
CA LEU F 76 -37.18 -33.63 7.13
C LEU F 76 -36.62 -32.61 6.14
N PRO F 77 -37.30 -32.18 5.07
CA PRO F 77 -36.85 -30.96 4.39
C PRO F 77 -36.88 -29.72 5.25
N LEU F 78 -37.86 -29.61 6.16
CA LEU F 78 -37.98 -28.40 6.96
C LEU F 78 -36.88 -28.30 8.00
N VAL F 79 -36.38 -29.42 8.50
CA VAL F 79 -35.34 -29.36 9.52
C VAL F 79 -33.97 -29.15 8.87
N VAL F 80 -33.82 -29.58 7.61
CA VAL F 80 -32.56 -29.38 6.92
C VAL F 80 -32.48 -27.94 6.39
N LEU F 81 -33.61 -27.40 5.92
CA LEU F 81 -33.61 -26.02 5.44
C LEU F 81 -33.51 -25.02 6.59
N GLY F 82 -33.82 -25.45 7.80
CA GLY F 82 -33.62 -24.58 8.94
C GLY F 82 -32.20 -24.63 9.47
N VAL F 83 -31.55 -25.79 9.35
CA VAL F 83 -30.16 -25.93 9.77
C VAL F 83 -29.25 -25.15 8.82
N THR F 84 -29.50 -25.25 7.52
CA THR F 84 -28.69 -24.51 6.56
C THR F 84 -29.05 -23.02 6.51
N PHE F 85 -30.11 -22.60 7.20
CA PHE F 85 -30.38 -21.17 7.33
C PHE F 85 -29.56 -20.58 8.47
N VAL F 86 -29.53 -21.26 9.61
CA VAL F 86 -28.82 -20.75 10.77
C VAL F 86 -27.33 -20.98 10.63
N LEU F 87 -26.93 -21.88 9.74
CA LEU F 87 -25.51 -22.06 9.45
C LEU F 87 -25.11 -21.33 8.18
N GLY F 88 -26.08 -20.88 7.38
CA GLY F 88 -25.74 -20.23 6.14
C GLY F 88 -25.42 -18.75 6.32
N VAL F 89 -26.27 -18.04 7.06
CA VAL F 89 -26.06 -16.60 7.23
C VAL F 89 -24.94 -16.34 8.24
N LEU F 90 -24.59 -17.34 9.05
CA LEU F 90 -23.43 -17.21 9.91
C LEU F 90 -22.18 -17.78 9.25
N GLY F 91 -22.33 -18.84 8.47
CA GLY F 91 -21.17 -19.41 7.79
C GLY F 91 -20.68 -18.54 6.65
N ASN F 92 -21.61 -18.02 5.85
CA ASN F 92 -21.21 -17.19 4.72
C ASN F 92 -21.00 -15.74 5.13
N GLY F 93 -21.73 -15.27 6.14
CA GLY F 93 -21.56 -13.89 6.58
C GLY F 93 -20.22 -13.66 7.26
N LEU F 94 -19.65 -14.71 7.85
CA LEU F 94 -18.28 -14.63 8.35
C LEU F 94 -17.29 -14.51 7.21
N VAL F 95 -17.59 -15.11 6.06
CA VAL F 95 -16.68 -15.03 4.92
C VAL F 95 -16.74 -13.65 4.29
N ILE F 96 -17.93 -13.05 4.23
CA ILE F 96 -18.06 -11.71 3.66
C ILE F 96 -17.44 -10.68 4.59
N TRP F 97 -17.38 -10.99 5.89
CA TRP F 97 -16.80 -10.05 6.87
C TRP F 97 -15.29 -9.96 6.71
N VAL F 98 -14.57 -11.05 6.93
CA VAL F 98 -13.11 -10.92 7.04
C VAL F 98 -12.41 -11.17 5.71
N ALA F 99 -12.97 -12.01 4.85
CA ALA F 99 -12.36 -12.16 3.53
C ALA F 99 -12.79 -11.05 2.57
N GLY F 100 -13.70 -10.19 2.98
CA GLY F 100 -14.10 -9.07 2.16
C GLY F 100 -13.59 -7.74 2.68
N PHE F 101 -13.46 -7.62 4.00
CA PHE F 101 -13.08 -6.36 4.62
C PHE F 101 -11.87 -6.43 5.53
N ARG F 102 -11.47 -7.60 6.02
CA ARG F 102 -10.33 -7.69 6.92
C ARG F 102 -9.14 -8.42 6.33
N MET F 103 -9.27 -9.00 5.15
CA MET F 103 -8.14 -9.61 4.47
C MET F 103 -7.87 -8.82 3.21
N THR F 104 -6.61 -8.86 2.75
CA THR F 104 -6.24 -8.19 1.52
C THR F 104 -6.85 -8.91 0.33
N ARG F 105 -7.04 -8.18 -0.77
CA ARG F 105 -7.68 -8.76 -1.94
C ARG F 105 -6.71 -9.62 -2.72
N THR F 106 -7.09 -10.88 -2.91
CA THR F 106 -6.32 -11.83 -3.71
C THR F 106 -7.30 -12.40 -4.72
N VAL F 107 -6.79 -13.10 -5.74
CA VAL F 107 -7.65 -13.83 -6.66
C VAL F 107 -8.38 -14.94 -5.91
N THR F 108 -7.73 -15.53 -4.92
CA THR F 108 -8.34 -16.58 -4.12
C THR F 108 -9.43 -16.03 -3.21
N THR F 109 -9.22 -14.82 -2.67
CA THR F 109 -10.21 -14.24 -1.78
C THR F 109 -11.41 -13.67 -2.52
N ILE F 110 -11.21 -13.24 -3.77
CA ILE F 110 -12.33 -12.75 -4.57
C ILE F 110 -13.26 -13.89 -4.95
N CYS F 111 -12.68 -15.04 -5.30
CA CYS F 111 -13.49 -16.21 -5.65
C CYS F 111 -14.21 -16.77 -4.42
N TYR F 112 -13.62 -16.59 -3.24
CA TYR F 112 -14.31 -17.02 -2.03
C TYR F 112 -15.39 -16.03 -1.64
N LEU F 113 -15.20 -14.76 -1.99
CA LEU F 113 -16.19 -13.74 -1.66
C LEU F 113 -17.42 -13.86 -2.54
N ASN F 114 -17.23 -14.10 -3.85
CA ASN F 114 -18.36 -14.21 -4.75
C ASN F 114 -19.12 -15.52 -4.54
N LEU F 115 -18.43 -16.55 -4.05
CA LEU F 115 -19.12 -17.78 -3.66
C LEU F 115 -19.89 -17.56 -2.37
N ALA F 116 -19.40 -16.68 -1.49
CA ALA F 116 -20.09 -16.39 -0.25
C ALA F 116 -21.35 -15.56 -0.51
N LEU F 117 -21.27 -14.57 -1.41
CA LEU F 117 -22.44 -13.81 -1.81
C LEU F 117 -23.44 -14.67 -2.58
N ALA F 118 -22.94 -15.71 -3.26
CA ALA F 118 -23.83 -16.61 -3.96
C ALA F 118 -24.57 -17.53 -2.99
N ASP F 119 -24.04 -17.69 -1.79
CA ASP F 119 -24.70 -18.55 -0.82
C ASP F 119 -25.43 -17.75 0.25
N PHE F 120 -24.94 -16.56 0.59
CA PHE F 120 -25.58 -15.75 1.62
C PHE F 120 -26.89 -15.16 1.12
N SER F 121 -26.90 -14.65 -0.11
CA SER F 121 -28.11 -14.09 -0.68
C SER F 121 -29.14 -15.17 -1.00
N PHE F 122 -28.71 -16.41 -1.19
CA PHE F 122 -29.64 -17.52 -1.34
C PHE F 122 -30.22 -17.92 0.00
N THR F 123 -29.38 -17.90 1.05
CA THR F 123 -29.81 -18.34 2.37
C THR F 123 -30.78 -17.35 3.01
N ALA F 124 -30.73 -16.08 2.61
CA ALA F 124 -31.68 -15.10 3.11
C ALA F 124 -33.08 -15.35 2.60
N THR F 125 -33.24 -16.09 1.50
CA THR F 125 -34.54 -16.45 0.98
C THR F 125 -35.08 -17.76 1.54
N LEU F 126 -34.30 -18.45 2.36
CA LEU F 126 -34.78 -19.68 2.98
C LEU F 126 -35.96 -19.53 3.96
N PRO F 127 -36.13 -18.44 4.73
CA PRO F 127 -37.40 -18.32 5.48
C PRO F 127 -38.64 -18.22 4.63
N PHE F 128 -38.54 -17.68 3.41
CA PHE F 128 -39.70 -17.62 2.54
C PHE F 128 -39.99 -18.98 1.92
N LEU F 129 -38.96 -19.81 1.76
CA LEU F 129 -39.15 -21.12 1.13
C LEU F 129 -39.56 -22.16 2.17
N ILE F 130 -39.19 -21.95 3.43
CA ILE F 130 -39.47 -22.96 4.45
C ILE F 130 -40.93 -22.86 4.90
N VAL F 131 -41.57 -21.72 4.63
CA VAL F 131 -42.98 -21.58 4.97
C VAL F 131 -43.84 -21.91 3.75
N SER F 132 -43.27 -21.83 2.55
CA SER F 132 -43.98 -22.29 1.37
C SER F 132 -43.95 -23.81 1.29
N MET F 133 -42.87 -24.42 1.79
CA MET F 133 -42.77 -25.88 1.81
C MET F 133 -43.63 -26.46 2.93
N ALA F 134 -43.79 -25.72 4.02
CA ALA F 134 -44.59 -26.20 5.13
C ALA F 134 -46.08 -26.15 4.80
N MET F 135 -46.49 -25.19 3.99
CA MET F 135 -47.89 -25.01 3.65
C MET F 135 -48.29 -25.89 2.48
N GLY F 136 -47.35 -26.65 1.94
CA GLY F 136 -47.66 -27.50 0.79
C GLY F 136 -47.76 -26.72 -0.49
N GLU F 137 -46.70 -26.00 -0.86
CA GLU F 137 -46.58 -25.14 -2.04
C GLU F 137 -47.60 -24.00 -2.07
N LYS F 138 -48.27 -23.70 -0.96
CA LYS F 138 -49.14 -22.54 -0.89
C LYS F 138 -48.31 -21.31 -0.60
N TRP F 139 -48.42 -20.28 -1.44
CA TRP F 139 -47.60 -19.09 -1.33
C TRP F 139 -48.38 -17.99 -0.65
N PRO F 140 -48.07 -17.63 0.58
CA PRO F 140 -48.85 -16.59 1.26
C PRO F 140 -48.44 -15.18 0.90
N PHE F 141 -47.29 -15.05 0.25
CA PHE F 141 -46.74 -13.73 -0.04
C PHE F 141 -47.27 -13.20 -1.37
N GLY F 142 -46.78 -12.04 -1.75
CA GLY F 142 -47.34 -11.33 -2.88
C GLY F 142 -46.74 -11.76 -4.21
N TRP F 143 -47.17 -11.06 -5.27
CA TRP F 143 -46.65 -11.32 -6.61
C TRP F 143 -45.20 -10.89 -6.73
N PHE F 144 -44.85 -9.78 -6.08
CA PHE F 144 -43.48 -9.27 -6.19
C PHE F 144 -42.51 -10.15 -5.43
N LEU F 145 -42.91 -10.63 -4.26
CA LEU F 145 -42.04 -11.54 -3.51
C LEU F 145 -42.04 -12.94 -4.12
N CYS F 146 -43.06 -13.29 -4.90
CA CYS F 146 -43.02 -14.54 -5.64
C CYS F 146 -41.99 -14.47 -6.75
N LYS F 147 -41.95 -13.35 -7.47
CA LYS F 147 -41.04 -13.24 -8.61
C LYS F 147 -39.61 -12.99 -8.16
N LEU F 148 -39.41 -12.09 -7.17
CA LEU F 148 -38.07 -11.65 -6.82
C LEU F 148 -37.27 -12.75 -6.13
N ILE F 149 -37.93 -13.51 -5.25
CA ILE F 149 -37.22 -14.53 -4.48
C ILE F 149 -36.80 -15.69 -5.39
N HIS F 150 -37.69 -16.10 -6.29
CA HIS F 150 -37.34 -17.16 -7.22
C HIS F 150 -36.37 -16.70 -8.31
N ILE F 151 -36.25 -15.40 -8.53
CA ILE F 151 -35.13 -14.88 -9.32
C ILE F 151 -33.85 -14.97 -8.51
N VAL F 152 -33.90 -14.54 -7.26
CA VAL F 152 -32.72 -14.57 -6.38
C VAL F 152 -32.29 -15.99 -6.05
N VAL F 153 -33.22 -16.93 -5.92
CA VAL F 153 -32.89 -18.32 -5.68
C VAL F 153 -32.19 -18.91 -6.90
N ASP F 154 -32.76 -18.73 -8.06
CA ASP F 154 -32.18 -19.35 -9.27
C ASP F 154 -30.82 -18.73 -9.56
N ILE F 155 -30.70 -17.42 -9.51
CA ILE F 155 -29.40 -16.82 -9.84
C ILE F 155 -28.33 -17.32 -8.88
N ASN F 156 -28.62 -17.28 -7.59
CA ASN F 156 -27.62 -17.61 -6.58
C ASN F 156 -27.41 -19.11 -6.42
N LEU F 157 -28.34 -19.95 -6.89
CA LEU F 157 -28.05 -21.37 -6.97
C LEU F 157 -27.17 -21.67 -8.17
N PHE F 158 -27.46 -21.03 -9.30
CA PHE F 158 -26.58 -21.15 -10.46
C PHE F 158 -25.26 -20.45 -10.21
N GLY F 159 -25.28 -19.37 -9.43
CA GLY F 159 -24.05 -18.69 -9.09
C GLY F 159 -23.22 -19.48 -8.10
N SER F 160 -23.87 -20.32 -7.29
CA SER F 160 -23.13 -21.18 -6.37
C SER F 160 -22.41 -22.29 -7.12
N VAL F 161 -23.06 -22.83 -8.14
CA VAL F 161 -22.51 -24.00 -8.84
C VAL F 161 -21.45 -23.57 -9.85
N PHE F 162 -21.71 -22.47 -10.56
CA PHE F 162 -20.76 -22.01 -11.58
C PHE F 162 -19.50 -21.43 -10.95
N LEU F 163 -19.59 -20.90 -9.73
CA LEU F 163 -18.39 -20.36 -9.10
C LEU F 163 -17.60 -21.46 -8.41
N ILE F 164 -18.25 -22.56 -8.05
CA ILE F 164 -17.51 -23.74 -7.56
C ILE F 164 -16.65 -24.31 -8.68
N GLY F 165 -17.17 -24.31 -9.90
CA GLY F 165 -16.36 -24.71 -11.04
C GLY F 165 -15.32 -23.69 -11.41
N PHE F 166 -15.50 -22.41 -11.10
CA PHE F 166 -14.45 -21.39 -11.38
C PHE F 166 -13.34 -21.50 -10.34
N ILE F 167 -13.66 -21.77 -9.08
CA ILE F 167 -12.61 -21.96 -8.05
C ILE F 167 -11.72 -23.13 -8.47
N ALA F 168 -12.29 -24.21 -9.01
CA ALA F 168 -11.55 -25.39 -9.49
C ALA F 168 -10.68 -25.14 -10.72
N LEU F 169 -11.17 -24.43 -11.72
CA LEU F 169 -10.30 -24.09 -12.85
C LEU F 169 -9.18 -23.19 -12.36
N ASP F 170 -9.45 -22.24 -11.47
CA ASP F 170 -8.35 -21.42 -10.93
C ASP F 170 -7.34 -22.33 -10.26
N ARG F 171 -7.80 -23.23 -9.40
CA ARG F 171 -6.82 -23.99 -8.64
C ARG F 171 -6.04 -24.95 -9.53
N CYS F 172 -6.60 -25.30 -10.68
CA CYS F 172 -5.92 -26.24 -11.57
C CYS F 172 -4.91 -25.47 -12.43
N ILE F 173 -5.27 -24.31 -12.97
CA ILE F 173 -4.27 -23.53 -13.72
C ILE F 173 -3.14 -23.18 -12.77
N CYS F 174 -3.44 -22.83 -11.53
CA CYS F 174 -2.37 -22.41 -10.58
C CYS F 174 -1.39 -23.55 -10.33
N VAL F 175 -1.86 -24.79 -10.17
CA VAL F 175 -0.97 -25.96 -9.91
C VAL F 175 -0.46 -26.58 -11.21
N LEU F 176 -1.32 -26.90 -12.17
CA LEU F 176 -0.86 -27.58 -13.41
C LEU F 176 0.03 -26.68 -14.26
N HIS F 177 -0.27 -25.39 -14.42
CA HIS F 177 0.61 -24.42 -15.13
C HIS F 177 0.98 -23.31 -14.17
N PRO F 178 2.02 -23.48 -13.33
CA PRO F 178 2.37 -22.50 -12.32
C PRO F 178 2.91 -21.16 -12.83
N VAL F 179 3.71 -21.13 -13.90
CA VAL F 179 4.32 -19.91 -14.50
C VAL F 179 3.25 -18.99 -15.10
N TRP F 180 2.26 -19.54 -15.79
CA TRP F 180 1.17 -18.70 -16.33
C TRP F 180 0.42 -18.00 -15.19
N ALA F 181 0.17 -18.66 -14.09
CA ALA F 181 -0.49 -17.93 -13.00
C ALA F 181 0.38 -16.79 -12.49
N GLN F 182 1.68 -16.98 -12.29
CA GLN F 182 2.44 -15.85 -11.71
C GLN F 182 2.38 -14.71 -12.73
N ASN F 183 2.61 -15.02 -13.99
CA ASN F 183 2.67 -13.99 -15.04
C ASN F 183 1.32 -13.37 -15.42
N HIS F 184 0.23 -14.13 -15.47
CA HIS F 184 -1.04 -13.57 -16.03
C HIS F 184 -2.20 -13.49 -15.03
N ARG F 185 -2.24 -14.31 -13.99
CA ARG F 185 -3.30 -14.33 -13.00
C ARG F 185 -3.11 -13.18 -12.03
N THR F 186 -4.08 -12.26 -12.00
CA THR F 186 -3.96 -11.08 -11.16
C THR F 186 -5.33 -10.64 -10.71
N VAL F 187 -5.34 -9.69 -9.78
CA VAL F 187 -6.59 -9.26 -9.13
C VAL F 187 -7.46 -8.49 -10.12
N SER F 188 -6.84 -7.76 -11.05
CA SER F 188 -7.62 -7.02 -12.04
C SER F 188 -8.24 -7.95 -13.07
N LEU F 189 -7.54 -9.02 -13.45
CA LEU F 189 -8.13 -9.98 -14.37
C LEU F 189 -9.16 -10.86 -13.69
N ALA F 190 -9.05 -10.98 -12.35
CA ALA F 190 -9.96 -11.85 -11.62
C ALA F 190 -11.37 -11.27 -11.59
N MET F 191 -11.49 -9.96 -11.43
CA MET F 191 -12.81 -9.34 -11.32
C MET F 191 -13.53 -9.26 -12.65
N LYS F 192 -12.79 -9.37 -13.77
CA LYS F 192 -13.42 -9.27 -15.07
C LYS F 192 -13.93 -10.63 -15.56
N VAL F 193 -13.30 -11.71 -15.10
CA VAL F 193 -13.75 -13.03 -15.51
C VAL F 193 -14.73 -13.60 -14.49
N ILE F 194 -14.85 -12.96 -13.32
CA ILE F 194 -15.75 -13.46 -12.29
C ILE F 194 -17.20 -13.13 -12.62
N VAL F 195 -17.44 -12.20 -13.55
CA VAL F 195 -18.81 -11.86 -13.93
C VAL F 195 -19.34 -12.86 -14.95
N GLY F 196 -18.48 -13.69 -15.51
CA GLY F 196 -18.87 -14.75 -16.42
C GLY F 196 -19.85 -15.76 -15.84
N PRO F 197 -19.55 -16.31 -14.66
CA PRO F 197 -20.57 -17.09 -13.94
C PRO F 197 -21.84 -16.32 -13.58
N TRP F 198 -21.76 -15.00 -13.41
CA TRP F 198 -22.95 -14.26 -13.01
C TRP F 198 -23.80 -13.87 -14.22
N ILE F 199 -23.18 -13.58 -15.36
CA ILE F 199 -23.95 -13.29 -16.58
C ILE F 199 -24.66 -14.56 -17.07
N LEU F 200 -23.98 -15.70 -16.93
CA LEU F 200 -24.59 -16.98 -17.31
C LEU F 200 -25.72 -17.36 -16.36
N ALA F 201 -25.73 -16.80 -15.15
CA ALA F 201 -26.85 -17.01 -14.24
C ALA F 201 -28.05 -16.18 -14.64
N LEU F 202 -27.82 -14.91 -15.00
CA LEU F 202 -28.92 -14.02 -15.38
C LEU F 202 -29.53 -14.41 -16.73
N VAL F 203 -28.74 -15.00 -17.62
CA VAL F 203 -29.28 -15.47 -18.89
C VAL F 203 -30.17 -16.68 -18.68
N LEU F 204 -29.72 -17.61 -17.84
CA LEU F 204 -30.45 -18.85 -17.60
C LEU F 204 -31.64 -18.67 -16.67
N THR F 205 -31.76 -17.53 -16.00
CA THR F 205 -32.88 -17.27 -15.09
C THR F 205 -34.01 -16.51 -15.77
N LEU F 206 -33.83 -16.13 -17.05
CA LEU F 206 -34.90 -15.51 -17.83
C LEU F 206 -36.17 -16.34 -17.98
N PRO F 207 -36.18 -17.69 -17.90
CA PRO F 207 -37.44 -18.42 -17.82
C PRO F 207 -38.23 -17.86 -16.62
N VAL F 208 -37.62 -17.71 -15.45
CA VAL F 208 -38.40 -17.28 -14.24
C VAL F 208 -38.97 -15.86 -14.39
N PHE F 209 -38.15 -14.89 -14.79
CA PHE F 209 -38.64 -13.50 -14.98
C PHE F 209 -39.90 -13.53 -15.83
N LEU F 210 -39.79 -14.11 -17.02
CA LEU F 210 -40.91 -14.13 -17.97
C LEU F 210 -42.13 -14.92 -17.51
N PHE F 211 -41.95 -16.10 -16.94
CA PHE F 211 -43.14 -16.94 -16.71
C PHE F 211 -43.50 -17.37 -15.31
N LEU F 212 -42.94 -16.83 -14.24
CA LEU F 212 -43.35 -17.37 -12.92
C LEU F 212 -44.39 -16.44 -12.33
N THR F 213 -45.65 -16.82 -12.37
CA THR F 213 -46.70 -15.88 -11.91
C THR F 213 -47.63 -16.56 -10.94
N THR F 214 -48.02 -15.85 -9.91
CA THR F 214 -48.91 -16.43 -8.89
C THR F 214 -50.21 -16.79 -9.57
N VAL F 215 -50.73 -17.99 -9.32
CA VAL F 215 -51.98 -18.45 -9.97
C VAL F 215 -52.97 -18.72 -8.86
N THR F 216 -54.26 -18.45 -9.06
CA THR F 216 -55.21 -18.80 -7.98
C THR F 216 -56.10 -19.94 -8.44
N ILE F 217 -56.08 -21.03 -7.69
CA ILE F 217 -56.96 -22.17 -7.99
C ILE F 217 -58.33 -21.77 -7.42
N PRO F 218 -59.47 -22.32 -7.86
CA PRO F 218 -60.75 -21.87 -7.37
C PRO F 218 -60.91 -21.91 -5.84
N ASN F 219 -60.32 -22.89 -5.16
CA ASN F 219 -60.49 -23.01 -3.69
C ASN F 219 -60.01 -21.71 -3.05
N GLY F 220 -59.19 -20.95 -3.75
CA GLY F 220 -58.72 -19.65 -3.24
C GLY F 220 -57.26 -19.68 -2.83
N ASP F 221 -56.63 -20.85 -2.95
CA ASP F 221 -55.20 -20.99 -2.58
C ASP F 221 -54.37 -20.32 -3.67
N THR F 222 -53.30 -19.62 -3.31
CA THR F 222 -52.43 -19.06 -4.37
C THR F 222 -51.15 -19.90 -4.45
N TYR F 223 -50.83 -20.43 -5.63
CA TYR F 223 -49.57 -21.18 -5.76
C TYR F 223 -48.67 -20.45 -6.75
N CYS F 224 -47.35 -20.52 -6.63
CA CYS F 224 -46.41 -19.90 -7.60
C CYS F 224 -46.01 -20.86 -8.71
N THR F 225 -46.70 -20.92 -9.82
CA THR F 225 -46.22 -21.80 -10.89
C THR F 225 -46.05 -20.99 -12.13
N PHE F 226 -45.87 -21.64 -13.26
CA PHE F 226 -45.75 -20.97 -14.55
C PHE F 226 -47.09 -20.92 -15.29
N ASN F 227 -47.21 -19.96 -16.21
CA ASN F 227 -48.34 -19.85 -17.11
C ASN F 227 -47.86 -19.60 -18.53
N PHE F 228 -48.42 -20.34 -19.47
CA PHE F 228 -48.11 -20.16 -20.88
C PHE F 228 -49.34 -19.96 -21.75
N ALA F 229 -50.51 -19.70 -21.17
CA ALA F 229 -51.69 -19.40 -21.98
C ALA F 229 -51.62 -17.99 -22.55
N SER F 230 -50.82 -17.12 -21.94
CA SER F 230 -50.62 -15.77 -22.49
C SER F 230 -49.68 -15.79 -23.68
N TRP F 231 -48.95 -16.90 -23.88
CA TRP F 231 -48.02 -17.00 -24.99
C TRP F 231 -48.55 -17.88 -26.12
N GLY F 232 -49.32 -18.92 -25.78
CA GLY F 232 -49.85 -19.80 -26.80
C GLY F 232 -51.09 -19.28 -27.48
N GLY F 233 -51.96 -18.58 -26.74
CA GLY F 233 -53.19 -18.07 -27.30
C GLY F 233 -54.33 -19.07 -27.23
N THR F 234 -54.25 -20.12 -28.04
CA THR F 234 -55.22 -21.21 -28.01
C THR F 234 -54.91 -22.15 -26.85
N PRO F 235 -55.93 -22.55 -26.09
CA PRO F 235 -55.68 -23.25 -24.82
C PRO F 235 -55.18 -24.67 -24.98
N GLU F 236 -55.42 -25.32 -26.12
CA GLU F 236 -54.91 -26.67 -26.32
C GLU F 236 -53.44 -26.64 -26.75
N GLU F 237 -53.07 -25.68 -27.60
CA GLU F 237 -51.69 -25.58 -28.04
C GLU F 237 -50.88 -24.60 -27.20
N ARG F 238 -51.47 -24.06 -26.13
CA ARG F 238 -50.65 -23.39 -25.12
C ARG F 238 -49.90 -24.41 -24.27
N LEU F 239 -50.46 -25.61 -24.14
CA LEU F 239 -49.78 -26.67 -23.40
C LEU F 239 -48.66 -27.28 -24.23
N LYS F 240 -48.68 -27.07 -25.55
CA LYS F 240 -47.57 -27.49 -26.39
C LYS F 240 -46.33 -26.66 -26.10
N VAL F 241 -46.52 -25.39 -25.75
CA VAL F 241 -45.41 -24.55 -25.31
C VAL F 241 -44.99 -24.93 -23.89
N ALA F 242 -45.94 -25.45 -23.10
CA ALA F 242 -45.66 -25.77 -21.69
C ALA F 242 -44.73 -26.96 -21.55
N ILE F 243 -44.92 -27.98 -22.38
CA ILE F 243 -44.02 -29.13 -22.36
C ILE F 243 -42.70 -28.77 -23.02
N THR F 244 -42.70 -27.74 -23.87
CA THR F 244 -41.52 -27.38 -24.64
C THR F 244 -40.44 -26.77 -23.76
N MET F 245 -40.77 -25.74 -22.99
CA MET F 245 -39.72 -25.06 -22.25
C MET F 245 -39.39 -25.77 -20.94
N LEU F 246 -40.36 -26.51 -20.38
CA LEU F 246 -40.08 -27.28 -19.18
C LEU F 246 -39.12 -28.45 -19.47
N THR F 247 -39.10 -28.93 -20.70
CA THR F 247 -38.04 -29.83 -21.10
C THR F 247 -36.76 -29.06 -21.40
N ALA F 248 -36.90 -27.81 -21.86
CA ALA F 248 -35.72 -26.98 -22.06
C ALA F 248 -35.15 -26.50 -20.74
N ARG F 249 -35.95 -26.48 -19.69
CA ARG F 249 -35.47 -26.04 -18.37
C ARG F 249 -34.78 -27.23 -17.74
N GLY F 250 -35.34 -28.42 -17.91
CA GLY F 250 -34.77 -29.57 -17.25
C GLY F 250 -33.47 -30.02 -17.88
N ILE F 251 -33.28 -29.71 -19.17
CA ILE F 251 -32.04 -30.07 -19.83
C ILE F 251 -30.91 -29.14 -19.41
N ILE F 252 -31.17 -27.83 -19.35
CA ILE F 252 -30.14 -26.88 -18.94
C ILE F 252 -29.87 -26.97 -17.45
N ARG F 253 -30.74 -27.64 -16.72
CA ARG F 253 -30.50 -27.80 -15.27
C ARG F 253 -29.49 -28.91 -15.11
N PHE F 254 -29.59 -29.93 -15.93
CA PHE F 254 -28.69 -31.07 -15.78
C PHE F 254 -27.39 -30.87 -16.55
N VAL F 255 -27.49 -30.46 -17.81
CA VAL F 255 -26.33 -30.36 -18.69
C VAL F 255 -25.45 -29.18 -18.28
N ILE F 256 -26.04 -27.99 -18.18
CA ILE F 256 -25.26 -26.81 -17.83
C ILE F 256 -25.17 -26.66 -16.31
N GLY F 257 -26.24 -27.02 -15.60
CA GLY F 257 -26.27 -26.81 -14.17
C GLY F 257 -25.65 -27.91 -13.34
N PHE F 258 -25.59 -29.14 -13.85
CA PHE F 258 -24.94 -30.20 -13.09
C PHE F 258 -23.78 -30.84 -13.84
N SER F 259 -24.00 -31.23 -15.10
CA SER F 259 -23.04 -32.07 -15.80
C SER F 259 -21.79 -31.30 -16.17
N LEU F 260 -21.91 -30.01 -16.48
CA LEU F 260 -20.74 -29.20 -16.79
C LEU F 260 -19.88 -28.87 -15.57
N PRO F 261 -20.42 -28.41 -14.42
CA PRO F 261 -19.51 -28.14 -13.30
C PRO F 261 -19.06 -29.36 -12.53
N MET F 262 -19.76 -30.50 -12.63
CA MET F 262 -19.24 -31.73 -12.08
C MET F 262 -18.09 -32.24 -12.91
N SER F 263 -18.16 -32.06 -14.24
CA SER F 263 -17.05 -32.43 -15.10
C SER F 263 -15.89 -31.46 -14.96
N ILE F 264 -16.12 -30.29 -14.38
CA ILE F 264 -15.02 -29.38 -14.08
C ILE F 264 -14.41 -29.73 -12.73
N VAL F 265 -15.25 -30.05 -11.74
CA VAL F 265 -14.75 -30.31 -10.39
C VAL F 265 -13.99 -31.62 -10.33
N ALA F 266 -14.53 -32.67 -10.97
CA ALA F 266 -13.91 -33.98 -10.89
C ALA F 266 -12.63 -34.05 -11.71
N ILE F 267 -12.58 -33.32 -12.82
CA ILE F 267 -11.39 -33.35 -13.68
C ILE F 267 -10.28 -32.52 -13.07
N CYS F 268 -10.59 -31.30 -12.63
CA CYS F 268 -9.55 -30.39 -12.18
C CYS F 268 -9.02 -30.77 -10.80
N TYR F 269 -9.89 -31.25 -9.92
CA TYR F 269 -9.39 -31.73 -8.63
C TYR F 269 -8.80 -33.13 -8.74
N GLY F 270 -8.98 -33.80 -9.88
CA GLY F 270 -8.27 -35.05 -10.11
C GLY F 270 -6.94 -34.81 -10.80
N LEU F 271 -6.87 -33.78 -11.64
CA LEU F 271 -5.60 -33.42 -12.26
C LEU F 271 -4.65 -32.79 -11.26
N ILE F 272 -5.20 -32.16 -10.21
CA ILE F 272 -4.36 -31.61 -9.15
C ILE F 272 -3.73 -32.73 -8.35
N ALA F 273 -4.52 -33.74 -8.00
CA ALA F 273 -4.01 -34.87 -7.23
C ALA F 273 -3.14 -35.78 -8.09
N ALA F 274 -3.26 -35.69 -9.41
CA ALA F 274 -2.35 -36.42 -10.28
C ALA F 274 -0.98 -35.77 -10.30
N LYS F 275 -0.94 -34.45 -10.13
CA LYS F 275 0.33 -33.72 -10.19
C LYS F 275 1.06 -33.77 -8.86
N ILE F 276 0.33 -33.55 -7.76
CA ILE F 276 1.00 -33.43 -6.46
C ILE F 276 1.40 -34.80 -5.93
N HIS F 277 0.80 -35.88 -6.43
CA HIS F 277 1.26 -37.21 -6.06
C HIS F 277 2.47 -37.63 -6.88
N LYS F 278 2.53 -37.18 -8.13
CA LYS F 278 3.69 -37.47 -8.98
C LYS F 278 4.91 -36.70 -8.50
N LYS F 279 4.73 -35.44 -8.10
CA LYS F 279 5.84 -34.62 -7.63
C LYS F 279 6.15 -34.80 -6.15
N GLY F 280 5.40 -35.65 -5.46
CA GLY F 280 5.74 -35.99 -4.09
C GLY F 280 5.51 -34.88 -3.09
N MET F 281 4.45 -34.10 -3.26
CA MET F 281 4.18 -33.00 -2.34
C MET F 281 3.32 -33.42 -1.17
N ILE F 282 2.84 -34.66 -1.15
CA ILE F 282 2.09 -35.17 -0.01
C ILE F 282 3.07 -35.49 1.11
N LYS F 283 2.89 -34.85 2.25
CA LYS F 283 3.60 -35.17 3.49
C LYS F 283 2.62 -35.32 4.64
N SER F 284 1.33 -35.25 4.34
CA SER F 284 0.26 -35.44 5.31
C SER F 284 -0.99 -35.88 4.57
N SER F 285 -2.01 -36.27 5.33
CA SER F 285 -3.27 -36.68 4.72
C SER F 285 -4.16 -35.49 4.39
N ARG F 286 -3.79 -34.30 4.83
CA ARG F 286 -4.57 -33.09 4.56
C ARG F 286 -4.72 -32.71 3.08
N PRO F 287 -3.77 -32.97 2.16
CA PRO F 287 -4.11 -32.78 0.74
C PRO F 287 -5.25 -33.65 0.23
N LEU F 288 -5.18 -34.96 0.44
CA LEU F 288 -6.12 -35.85 -0.24
C LEU F 288 -7.48 -35.88 0.45
N ARG F 289 -7.60 -35.39 1.67
CA ARG F 289 -8.90 -35.42 2.34
C ARG F 289 -9.73 -34.18 2.01
N VAL F 290 -9.08 -33.02 1.86
CA VAL F 290 -9.81 -31.83 1.44
C VAL F 290 -10.16 -31.91 -0.03
N LEU F 291 -9.30 -32.59 -0.82
CA LEU F 291 -9.59 -32.86 -2.22
C LEU F 291 -10.82 -33.75 -2.37
N THR F 292 -10.91 -34.79 -1.55
CA THR F 292 -12.04 -35.71 -1.69
C THR F 292 -13.27 -35.19 -0.97
N ALA F 293 -13.12 -34.19 -0.11
CA ALA F 293 -14.29 -33.60 0.54
C ALA F 293 -15.06 -32.71 -0.43
N VAL F 294 -14.33 -32.01 -1.30
CA VAL F 294 -14.96 -31.05 -2.22
C VAL F 294 -15.72 -31.79 -3.31
N VAL F 295 -15.10 -32.83 -3.88
CA VAL F 295 -15.71 -33.53 -5.01
C VAL F 295 -16.86 -34.41 -4.54
N ALA F 296 -16.86 -34.82 -3.27
CA ALA F 296 -17.95 -35.64 -2.76
C ALA F 296 -19.12 -34.79 -2.28
N SER F 297 -18.82 -33.63 -1.69
CA SER F 297 -19.90 -32.75 -1.24
C SER F 297 -20.61 -32.10 -2.42
N PHE F 298 -19.92 -31.96 -3.54
CA PHE F 298 -20.59 -31.49 -4.75
C PHE F 298 -21.38 -32.62 -5.40
N PHE F 299 -21.07 -33.86 -5.05
CA PHE F 299 -21.80 -34.99 -5.63
C PHE F 299 -23.00 -35.37 -4.79
N ILE F 300 -22.78 -35.68 -3.51
CA ILE F 300 -23.86 -36.22 -2.68
C ILE F 300 -24.89 -35.18 -2.30
N CYS F 301 -24.62 -33.90 -2.55
CA CYS F 301 -25.64 -32.89 -2.33
C CYS F 301 -26.47 -32.66 -3.59
N TRP F 302 -25.84 -32.72 -4.76
CA TRP F 302 -26.52 -32.29 -5.97
C TRP F 302 -27.06 -33.45 -6.79
N PHE F 303 -26.42 -34.63 -6.73
CA PHE F 303 -26.89 -35.75 -7.53
C PHE F 303 -28.22 -36.37 -7.09
N PRO F 304 -28.61 -36.38 -5.81
CA PRO F 304 -30.02 -36.74 -5.52
C PRO F 304 -31.04 -35.78 -6.10
N PHE F 305 -30.69 -34.50 -6.24
CA PHE F 305 -31.65 -33.53 -6.75
C PHE F 305 -31.67 -33.52 -8.27
N GLN F 306 -30.51 -33.62 -8.90
CA GLN F 306 -30.44 -33.46 -10.35
C GLN F 306 -30.84 -34.75 -11.06
N LEU F 307 -30.99 -35.85 -10.33
CA LEU F 307 -31.48 -37.08 -10.93
C LEU F 307 -33.00 -37.12 -10.93
N VAL F 308 -33.62 -36.71 -9.82
CA VAL F 308 -35.07 -36.71 -9.75
C VAL F 308 -35.67 -35.55 -10.54
N ALA F 309 -34.85 -34.55 -10.88
CA ALA F 309 -35.31 -33.49 -11.76
C ALA F 309 -35.10 -33.86 -13.23
N LEU F 310 -34.12 -34.70 -13.52
CA LEU F 310 -33.95 -35.20 -14.88
C LEU F 310 -34.99 -36.26 -15.21
N LEU F 311 -35.23 -37.14 -14.24
CA LEU F 311 -36.22 -38.20 -14.45
C LEU F 311 -37.57 -37.50 -14.58
N GLY F 312 -37.76 -36.38 -13.88
CA GLY F 312 -39.00 -35.61 -14.02
C GLY F 312 -39.16 -35.08 -15.42
N THR F 313 -38.09 -34.54 -16.01
CA THR F 313 -38.13 -34.00 -17.39
C THR F 313 -38.34 -35.11 -18.41
N VAL F 314 -37.72 -36.26 -18.19
CA VAL F 314 -37.88 -37.41 -19.12
C VAL F 314 -39.35 -37.85 -19.12
N TRP F 315 -40.00 -37.80 -17.97
CA TRP F 315 -41.39 -38.29 -17.83
C TRP F 315 -42.38 -37.15 -17.62
N LEU F 316 -42.13 -35.93 -18.07
CA LEU F 316 -43.04 -34.80 -17.70
C LEU F 316 -44.42 -35.11 -18.24
N LYS F 317 -44.50 -35.56 -19.48
CA LYS F 317 -45.83 -35.76 -20.08
C LYS F 317 -46.55 -36.80 -19.25
N GLU F 318 -45.87 -37.85 -18.85
CA GLU F 318 -46.62 -38.91 -18.14
C GLU F 318 -47.18 -38.43 -16.80
N MET F 319 -46.44 -37.64 -16.03
CA MET F 319 -46.98 -37.10 -14.76
C MET F 319 -48.08 -36.06 -14.98
N LEU F 320 -47.88 -35.08 -15.87
CA LEU F 320 -48.88 -33.98 -16.04
C LEU F 320 -50.15 -34.50 -16.71
N PHE F 321 -50.01 -35.11 -17.87
CA PHE F 321 -51.16 -35.63 -18.61
C PHE F 321 -51.81 -36.81 -17.88
N TYR F 322 -51.03 -37.74 -17.28
CA TYR F 322 -51.69 -38.96 -16.71
C TYR F 322 -51.18 -39.37 -15.32
N GLY F 323 -50.36 -38.56 -14.64
CA GLY F 323 -49.78 -38.97 -13.35
C GLY F 323 -48.93 -40.23 -13.45
N LYS F 324 -49.10 -41.18 -12.52
CA LYS F 324 -48.42 -42.52 -12.62
C LYS F 324 -46.96 -42.49 -12.16
N TYR F 325 -46.41 -41.34 -11.76
CA TYR F 325 -45.02 -41.34 -11.21
C TYR F 325 -44.95 -40.52 -9.93
N LYS F 326 -45.44 -41.10 -8.83
CA LYS F 326 -45.51 -40.35 -7.55
C LYS F 326 -44.14 -40.19 -6.92
N ILE F 327 -43.29 -41.21 -6.96
CA ILE F 327 -42.01 -41.10 -6.24
C ILE F 327 -41.28 -39.85 -6.72
N ILE F 328 -41.36 -39.50 -8.00
CA ILE F 328 -40.57 -38.32 -8.42
C ILE F 328 -41.04 -37.13 -7.59
N ASP F 329 -42.33 -36.94 -7.50
CA ASP F 329 -42.83 -35.73 -6.78
C ASP F 329 -42.53 -35.83 -5.30
N ILE F 330 -42.73 -37.00 -4.69
CA ILE F 330 -42.56 -37.07 -3.22
C ILE F 330 -41.11 -36.73 -2.86
N LEU F 331 -40.13 -37.13 -3.67
CA LEU F 331 -38.70 -36.90 -3.39
C LEU F 331 -38.20 -35.47 -3.70
N VAL F 332 -38.91 -34.60 -4.43
CA VAL F 332 -38.32 -33.27 -4.80
C VAL F 332 -38.04 -32.42 -3.58
N ASN F 333 -38.97 -32.35 -2.64
CA ASN F 333 -38.71 -31.58 -1.41
C ASN F 333 -37.58 -32.22 -0.60
N PRO F 334 -37.53 -33.55 -0.37
CA PRO F 334 -36.35 -34.14 0.29
C PRO F 334 -34.96 -33.93 -0.35
N THR F 335 -34.78 -34.06 -1.67
CA THR F 335 -33.52 -33.98 -2.42
C THR F 335 -33.12 -32.54 -2.69
N SER F 336 -34.10 -31.63 -2.75
CA SER F 336 -33.76 -30.22 -2.91
C SER F 336 -33.22 -29.64 -1.62
N SER F 337 -33.67 -30.18 -0.48
CA SER F 337 -33.11 -29.74 0.81
C SER F 337 -31.66 -30.19 0.96
N LEU F 338 -31.32 -31.34 0.38
CA LEU F 338 -29.92 -31.75 0.38
C LEU F 338 -29.11 -30.93 -0.62
N ALA F 339 -29.76 -30.44 -1.68
CA ALA F 339 -29.08 -29.59 -2.63
C ALA F 339 -28.87 -28.20 -2.07
N PHE F 340 -29.73 -27.78 -1.15
CA PHE F 340 -29.56 -26.45 -0.55
C PHE F 340 -28.61 -26.51 0.62
N PHE F 341 -28.26 -27.72 1.06
CA PHE F 341 -27.33 -27.87 2.18
C PHE F 341 -25.88 -27.69 1.73
N ASN F 342 -25.64 -27.62 0.42
CA ASN F 342 -24.30 -27.33 -0.07
C ASN F 342 -23.91 -25.88 0.16
N SER F 343 -24.89 -25.00 0.38
CA SER F 343 -24.59 -23.59 0.54
C SER F 343 -24.00 -23.29 1.92
N CYS F 344 -24.36 -24.09 2.93
CA CYS F 344 -23.72 -23.90 4.22
C CYS F 344 -22.42 -24.68 4.34
N LEU F 345 -22.16 -25.59 3.41
CA LEU F 345 -20.92 -26.35 3.43
C LEU F 345 -19.80 -25.67 2.67
N ASN F 346 -20.13 -24.70 1.81
CA ASN F 346 -19.12 -24.04 1.00
C ASN F 346 -18.17 -23.12 1.77
N PRO F 347 -18.58 -22.41 2.84
CA PRO F 347 -17.56 -21.78 3.71
C PRO F 347 -16.66 -22.77 4.42
N MET F 348 -17.19 -23.91 4.85
CA MET F 348 -16.41 -24.83 5.66
C MET F 348 -15.44 -25.64 4.80
N LEU F 349 -15.73 -25.76 3.50
CA LEU F 349 -14.90 -26.59 2.65
C LEU F 349 -13.93 -25.79 1.81
N TYR F 350 -14.26 -24.53 1.52
CA TYR F 350 -13.40 -23.72 0.65
C TYR F 350 -12.65 -22.65 1.42
N VAL F 351 -13.23 -22.11 2.49
CA VAL F 351 -12.68 -20.91 3.11
C VAL F 351 -12.12 -21.23 4.48
N PHE F 352 -12.84 -22.05 5.25
CA PHE F 352 -12.41 -22.36 6.62
C PHE F 352 -11.22 -23.31 6.67
N VAL F 353 -10.88 -23.95 5.55
CA VAL F 353 -9.81 -24.94 5.57
C VAL F 353 -8.45 -24.26 5.65
N GLY F 354 -8.29 -23.12 4.99
CA GLY F 354 -7.00 -22.46 4.93
C GLY F 354 -6.62 -21.84 6.26
N GLN F 355 -5.33 -21.93 6.62
CA GLN F 355 -4.88 -21.46 7.93
C GLN F 355 -4.77 -19.94 7.96
N ASP F 356 -4.60 -19.31 6.80
CA ASP F 356 -4.48 -17.86 6.74
C ASP F 356 -5.83 -17.20 7.06
N PHE F 357 -6.92 -17.86 6.69
CA PHE F 357 -8.24 -17.32 6.99
C PHE F 357 -8.60 -17.51 8.46
N ARG F 358 -8.19 -18.64 9.04
CA ARG F 358 -8.51 -18.90 10.44
C ARG F 358 -7.67 -18.03 11.37
N GLU F 359 -6.51 -17.57 10.90
CA GLU F 359 -5.70 -16.65 11.69
C GLU F 359 -6.32 -15.25 11.69
N ARG F 360 -7.00 -14.88 10.60
CA ARG F 360 -7.60 -13.56 10.54
C ARG F 360 -8.96 -13.52 11.22
N LEU F 361 -9.58 -14.69 11.43
CA LEU F 361 -10.87 -14.71 12.11
C LEU F 361 -10.71 -14.57 13.61
N ILE F 362 -9.65 -15.19 14.16
CA ILE F 362 -9.46 -15.16 15.60
C ILE F 362 -8.91 -13.82 16.06
N HIS F 363 -8.26 -13.07 15.17
CA HIS F 363 -7.76 -11.75 15.54
C HIS F 363 -8.74 -10.65 15.18
N SER F 364 -9.90 -11.00 14.62
CA SER F 364 -10.92 -10.01 14.33
C SER F 364 -12.10 -10.10 15.29
N LEU F 365 -12.30 -11.24 15.93
CA LEU F 365 -13.41 -11.39 16.87
C LEU F 365 -13.09 -10.69 18.20
#